data_6Z1T
#
_entry.id   6Z1T
#
_cell.length_a   84.5
_cell.length_b   84.5
_cell.length_c   118.72
_cell.angle_alpha   90
_cell.angle_beta   90
_cell.angle_gamma   90
#
_symmetry.space_group_name_H-M   'P 41'
#
loop_
_entity.id
_entity.type
_entity.pdbx_description
1 polymer 'Mitogen-activated protein kinase kinase kinase 14'
2 non-polymer 4S/3694
3 water water
#
_entity_poly.entity_id   1
_entity_poly.type   'polypeptide(L)'
_entity_poly.pdbx_seq_one_letter_code
;KFSVEEYLVHALQGSVSSGQAHSLTSLAKTWAARGSRSREPSPKTEDNEGVLLTEKLKPVDYEYREEVHWATHQLRLGRG
SFGEVHRMEDKQTGFQCAVKKVRLEVFRAEELMACAGLTSPRIVPLYGAVREGPWVNIFMELLEGGSLGQLVKEQGCLPE
DRALYYLGQALEGLEYLHSRRILHGDVKADNVLLSSDGSHAALCDFGHAVCLQPDGLGKDLLTGDYIPGTETHMAPEVVL
GRSCDAKVDVWSSCCMMLHMLNGCHPWTQFFRGPLCLKIASEPPPVREIPPSCAPLTAQAIQEGLRKEPIHRVSAAELGG
KVNRALQQVGGLKSPWRGEYKEPRHPPPNQA
;
_entity_poly.pdbx_strand_id   AAA,BBB
#
loop_
_chem_comp.id
_chem_comp.type
_chem_comp.name
_chem_comp.formula
Q55 non-polymer 4S/3694 'C21 H20 N6 O2'
#
# COMPACT_ATOMS: atom_id res chain seq x y z
N GLU A 5 0.90 -24.16 -19.56
CA GLU A 5 0.74 -23.09 -18.53
C GLU A 5 -0.45 -22.19 -18.87
N GLU A 6 -0.64 -21.87 -20.17
CA GLU A 6 -1.61 -20.85 -20.65
C GLU A 6 -3.04 -21.35 -20.46
N TYR A 7 -3.26 -22.67 -20.49
CA TYR A 7 -4.57 -23.31 -20.15
C TYR A 7 -4.74 -23.33 -18.63
N LEU A 8 -3.66 -23.58 -17.89
CA LEU A 8 -3.63 -23.60 -16.40
C LEU A 8 -4.11 -22.24 -15.85
N VAL A 9 -3.50 -21.14 -16.29
CA VAL A 9 -3.83 -19.77 -15.80
C VAL A 9 -5.28 -19.45 -16.19
N HIS A 10 -5.69 -19.83 -17.42
CA HIS A 10 -7.07 -19.62 -17.94
C HIS A 10 -8.06 -20.23 -16.94
N ALA A 11 -7.76 -21.42 -16.44
CA ALA A 11 -8.64 -22.21 -15.54
C ALA A 11 -8.60 -21.65 -14.11
N LEU A 12 -7.45 -21.07 -13.70
CA LEU A 12 -7.24 -20.51 -12.33
C LEU A 12 -7.87 -19.12 -12.22
N GLN A 13 -7.81 -18.32 -13.28
CA GLN A 13 -8.22 -16.88 -13.28
C GLN A 13 -9.68 -16.75 -12.86
N GLY A 14 -9.99 -15.71 -12.08
CA GLY A 14 -11.36 -15.36 -11.65
C GLY A 14 -11.82 -16.13 -10.42
N SER A 15 -10.99 -17.04 -9.90
CA SER A 15 -11.31 -17.94 -8.76
C SER A 15 -10.15 -17.95 -7.74
N VAL A 16 -10.50 -18.11 -6.47
CA VAL A 16 -9.57 -18.55 -5.41
C VAL A 16 -9.78 -20.05 -5.20
N SER A 17 -8.70 -20.83 -5.27
CA SER A 17 -8.71 -22.30 -5.09
C SER A 17 -7.64 -22.71 -4.08
N SER A 18 -7.80 -23.90 -3.50
CA SER A 18 -6.73 -24.68 -2.85
C SER A 18 -5.98 -25.42 -3.96
N GLY A 19 -4.65 -25.30 -3.99
CA GLY A 19 -3.80 -25.90 -5.04
C GLY A 19 -2.35 -25.97 -4.61
N GLN A 20 -1.46 -26.01 -5.60
CA GLN A 20 0.00 -26.25 -5.46
C GLN A 20 0.76 -24.97 -5.84
N ALA A 21 2.07 -24.94 -5.57
CA ALA A 21 2.98 -23.80 -5.78
C ALA A 21 2.96 -23.35 -7.26
N HIS A 22 3.09 -24.28 -8.21
CA HIS A 22 3.23 -23.99 -9.66
C HIS A 22 2.00 -23.23 -10.15
N SER A 23 0.82 -23.49 -9.58
CA SER A 23 -0.46 -22.81 -9.90
C SER A 23 -0.42 -21.36 -9.42
N LEU A 24 0.01 -21.12 -8.18
CA LEU A 24 0.18 -19.76 -7.62
C LEU A 24 1.17 -18.99 -8.50
N THR A 25 2.32 -19.62 -8.77
CA THR A 25 3.48 -19.03 -9.51
C THR A 25 3.03 -18.62 -10.92
N SER A 26 2.32 -19.49 -11.62
CA SER A 26 1.78 -19.25 -12.99
C SER A 26 0.87 -18.02 -12.97
N LEU A 27 0.01 -17.92 -11.95
CA LEU A 27 -1.01 -16.84 -11.82
C LEU A 27 -0.33 -15.55 -11.36
N ALA A 28 0.76 -15.67 -10.58
CA ALA A 28 1.60 -14.54 -10.12
C ALA A 28 2.21 -13.80 -11.31
N LYS A 29 2.65 -14.52 -12.35
CA LYS A 29 3.26 -13.90 -13.57
C LYS A 29 2.23 -13.00 -14.27
N THR A 30 0.96 -13.41 -14.25
CA THR A 30 -0.20 -12.66 -14.82
C THR A 30 -0.41 -11.36 -14.05
N TRP A 31 -0.22 -11.38 -12.72
CA TRP A 31 -0.42 -10.19 -11.87
C TRP A 31 0.64 -9.14 -12.19
N ALA A 32 1.90 -9.57 -12.34
CA ALA A 32 3.07 -8.71 -12.63
C ALA A 32 2.90 -8.00 -14.00
N ALA A 33 2.31 -8.69 -14.98
CA ALA A 33 1.99 -8.13 -16.32
C ALA A 33 0.88 -7.07 -16.19
N ARG A 34 -0.16 -7.35 -15.40
CA ARG A 34 -1.31 -6.42 -15.15
C ARG A 34 -0.80 -5.10 -14.55
N GLY A 35 0.11 -5.19 -13.58
CA GLY A 35 0.72 -4.03 -12.89
C GLY A 35 1.49 -3.11 -13.85
N SER A 36 1.99 -3.68 -14.95
CA SER A 36 2.71 -2.95 -16.04
C SER A 36 1.73 -2.19 -16.93
N ARG A 37 0.51 -2.72 -17.11
CA ARG A 37 -0.56 -2.12 -17.96
C ARG A 37 -1.23 -0.95 -17.20
N SER A 38 -1.79 0.01 -17.93
CA SER A 38 -2.46 1.21 -17.39
C SER A 38 -3.76 0.82 -16.69
N ARG A 39 -4.11 1.51 -15.60
CA ARG A 39 -5.35 1.29 -14.80
C ARG A 39 -6.56 1.54 -15.70
N GLU A 40 -7.59 0.68 -15.56
CA GLU A 40 -8.86 0.72 -16.34
C GLU A 40 -10.00 1.17 -15.42
N PRO A 41 -11.23 1.38 -15.93
CA PRO A 41 -12.39 1.59 -15.08
C PRO A 41 -12.68 0.32 -14.28
N SER A 42 -12.72 0.42 -12.94
CA SER A 42 -12.89 -0.73 -12.00
C SER A 42 -14.33 -1.26 -12.07
N PRO A 43 -14.53 -2.59 -12.06
CA PRO A 43 -15.89 -3.16 -12.05
C PRO A 43 -16.60 -2.96 -10.70
N LYS A 44 -17.93 -3.03 -10.70
CA LYS A 44 -18.81 -2.99 -9.50
C LYS A 44 -18.26 -3.93 -8.42
N THR A 45 -18.04 -5.21 -8.79
CA THR A 45 -17.44 -6.27 -7.93
C THR A 45 -16.00 -6.54 -8.38
N GLU A 46 -15.02 -6.24 -7.52
CA GLU A 46 -13.57 -6.44 -7.76
C GLU A 46 -13.30 -7.90 -8.14
N ASP A 47 -12.45 -8.11 -9.16
CA ASP A 47 -11.76 -9.40 -9.41
C ASP A 47 -11.22 -9.93 -8.08
N ASN A 48 -11.49 -11.21 -7.79
CA ASN A 48 -10.97 -11.96 -6.64
C ASN A 48 -10.40 -13.29 -7.16
N GLU A 49 -9.09 -13.51 -7.04
CA GLU A 49 -8.45 -14.77 -7.52
C GLU A 49 -7.14 -15.03 -6.75
N GLY A 50 -6.69 -16.30 -6.75
CA GLY A 50 -5.41 -16.70 -6.15
C GLY A 50 -5.38 -18.16 -5.77
N VAL A 51 -4.35 -18.56 -5.01
CA VAL A 51 -4.11 -19.96 -4.58
C VAL A 51 -3.69 -19.92 -3.11
N LEU A 52 -4.42 -20.63 -2.26
CA LEU A 52 -4.05 -20.96 -0.86
C LEU A 52 -3.38 -22.34 -0.84
N LEU A 53 -2.21 -22.45 -0.21
CA LEU A 53 -1.31 -23.63 -0.27
C LEU A 53 -1.47 -24.50 0.98
N THR A 54 -2.24 -24.05 1.98
CA THR A 54 -2.46 -24.74 3.28
C THR A 54 -3.97 -24.78 3.58
N GLU A 55 -4.41 -25.78 4.34
CA GLU A 55 -5.83 -25.98 4.74
C GLU A 55 -6.21 -24.98 5.84
N LYS A 56 -5.23 -24.37 6.51
CA LYS A 56 -5.41 -23.29 7.51
C LYS A 56 -6.15 -22.09 6.90
N LEU A 57 -6.01 -21.85 5.59
CA LEU A 57 -6.71 -20.75 4.87
C LEU A 57 -7.66 -21.38 3.83
N LYS A 58 -8.97 -21.28 4.05
CA LYS A 58 -10.01 -21.95 3.22
C LYS A 58 -10.77 -20.93 2.39
N PRO A 59 -10.79 -21.08 1.05
CA PRO A 59 -11.68 -20.28 0.22
C PRO A 59 -13.13 -20.73 0.47
N VAL A 60 -14.09 -19.82 0.35
CA VAL A 60 -15.55 -20.10 0.49
C VAL A 60 -16.21 -19.76 -0.86
N ASP A 61 -16.79 -20.77 -1.52
CA ASP A 61 -17.38 -20.68 -2.89
C ASP A 61 -16.38 -19.96 -3.81
N TYR A 62 -15.09 -20.31 -3.70
CA TYR A 62 -13.97 -19.83 -4.57
C TYR A 62 -13.75 -18.33 -4.42
N GLU A 63 -14.05 -17.79 -3.23
CA GLU A 63 -13.78 -16.39 -2.83
C GLU A 63 -12.91 -16.38 -1.57
N TYR A 64 -12.08 -15.35 -1.43
CA TYR A 64 -11.26 -15.05 -0.23
C TYR A 64 -11.02 -13.55 -0.19
N ARG A 65 -11.93 -12.84 0.47
CA ARG A 65 -12.05 -11.36 0.46
C ARG A 65 -11.82 -10.87 1.89
N GLU A 66 -11.04 -9.81 2.06
CA GLU A 66 -10.79 -9.21 3.39
C GLU A 66 -12.11 -8.71 3.97
N GLU A 67 -12.26 -8.82 5.30
CA GLU A 67 -13.47 -8.44 6.08
C GLU A 67 -14.55 -9.52 5.97
N VAL A 68 -14.67 -10.21 4.84
CA VAL A 68 -15.69 -11.27 4.60
C VAL A 68 -15.18 -12.61 5.14
N HIS A 69 -14.07 -13.14 4.60
CA HIS A 69 -13.55 -14.51 4.88
C HIS A 69 -12.37 -14.46 5.85
N TRP A 70 -11.72 -13.31 5.97
CA TRP A 70 -10.60 -13.10 6.92
C TRP A 70 -10.52 -11.61 7.27
N ALA A 71 -9.86 -11.29 8.38
CA ALA A 71 -9.65 -9.91 8.85
C ALA A 71 -8.26 -9.80 9.51
N THR A 72 -7.63 -8.62 9.39
CA THR A 72 -6.43 -8.24 10.18
C THR A 72 -6.89 -7.94 11.60
N HIS A 73 -6.03 -8.11 12.60
CA HIS A 73 -6.32 -7.69 13.99
C HIS A 73 -5.02 -7.26 14.68
N GLN A 74 -5.14 -6.30 15.62
CA GLN A 74 -4.04 -5.58 16.31
C GLN A 74 -3.32 -4.70 15.28
N LEU A 75 -2.22 -4.06 15.68
CA LEU A 75 -1.45 -3.10 14.84
C LEU A 75 -0.43 -3.87 14.00
N ARG A 76 0.04 -3.27 12.91
CA ARG A 76 0.89 -3.91 11.89
C ARG A 76 2.16 -4.46 12.54
N LEU A 77 2.72 -5.50 11.96
CA LEU A 77 3.99 -6.15 12.42
C LEU A 77 5.17 -5.29 11.96
N GLY A 78 5.06 -4.68 10.77
CA GLY A 78 6.05 -3.72 10.26
C GLY A 78 5.79 -3.38 8.80
N ARG A 79 6.80 -2.79 8.16
CA ARG A 79 6.79 -2.48 6.71
C ARG A 79 7.75 -3.43 6.00
N GLY A 80 7.23 -4.20 5.04
CA GLY A 80 8.03 -4.97 4.07
C GLY A 80 8.39 -4.11 2.89
N SER A 81 9.25 -4.62 2.00
CA SER A 81 9.82 -3.89 0.85
C SER A 81 8.74 -3.15 0.05
N PHE A 82 7.58 -3.77 -0.18
CA PHE A 82 6.54 -3.25 -1.12
C PHE A 82 5.16 -3.21 -0.46
N GLY A 83 5.06 -3.40 0.84
CA GLY A 83 3.76 -3.40 1.54
C GLY A 83 3.88 -3.58 3.03
N GLU A 84 2.86 -3.16 3.76
CA GLU A 84 2.73 -3.38 5.23
C GLU A 84 2.36 -4.84 5.48
N VAL A 85 2.71 -5.32 6.67
CA VAL A 85 2.53 -6.72 7.14
C VAL A 85 1.67 -6.67 8.41
N HIS A 86 0.60 -7.44 8.45
CA HIS A 86 -0.35 -7.50 9.59
C HIS A 86 -0.52 -8.96 10.02
N ARG A 87 -0.85 -9.15 11.29
CA ARG A 87 -1.48 -10.39 11.82
C ARG A 87 -2.89 -10.46 11.23
N MET A 88 -3.27 -11.63 10.71
CA MET A 88 -4.66 -11.87 10.20
C MET A 88 -5.16 -13.21 10.73
N GLU A 89 -6.49 -13.38 10.72
CA GLU A 89 -7.18 -14.63 11.11
C GLU A 89 -8.20 -14.99 10.03
N ASP A 90 -8.18 -16.25 9.57
CA ASP A 90 -9.26 -16.87 8.75
C ASP A 90 -10.49 -17.01 9.66
N LYS A 91 -11.63 -16.43 9.25
CA LYS A 91 -12.86 -16.35 10.09
C LYS A 91 -13.52 -17.73 10.18
N GLN A 92 -13.42 -18.57 9.16
CA GLN A 92 -13.97 -19.95 9.17
C GLN A 92 -13.11 -20.83 10.09
N THR A 93 -11.79 -20.80 9.89
CA THR A 93 -10.79 -21.78 10.39
C THR A 93 -10.21 -21.33 11.74
N GLY A 94 -10.15 -20.02 12.00
CA GLY A 94 -9.60 -19.45 13.25
C GLY A 94 -8.07 -19.49 13.28
N PHE A 95 -7.43 -19.99 12.23
CA PHE A 95 -5.95 -20.03 12.12
C PHE A 95 -5.45 -18.61 11.80
N GLN A 96 -4.40 -18.20 12.50
CA GLN A 96 -3.72 -16.89 12.31
C GLN A 96 -2.54 -17.07 11.36
N CYS A 97 -2.16 -16.01 10.66
CA CYS A 97 -0.93 -15.94 9.84
C CYS A 97 -0.55 -14.47 9.64
N ALA A 98 0.49 -14.21 8.85
CA ALA A 98 0.93 -12.86 8.45
C ALA A 98 0.44 -12.59 7.02
N VAL A 99 -0.02 -11.36 6.76
CA VAL A 99 -0.43 -10.89 5.40
C VAL A 99 0.43 -9.66 5.05
N LYS A 100 1.11 -9.70 3.90
CA LYS A 100 1.71 -8.49 3.28
C LYS A 100 0.77 -8.05 2.13
N LYS A 101 0.32 -6.81 2.18
CA LYS A 101 -0.59 -6.20 1.17
C LYS A 101 0.27 -5.39 0.19
N VAL A 102 0.30 -5.80 -1.08
CA VAL A 102 1.15 -5.18 -2.14
C VAL A 102 0.23 -4.68 -3.24
N ARG A 103 0.40 -3.41 -3.64
CA ARG A 103 -0.27 -2.82 -4.84
C ARG A 103 0.16 -3.60 -6.08
N LEU A 104 -0.79 -3.93 -6.95
CA LEU A 104 -0.55 -4.73 -8.17
C LEU A 104 0.57 -4.11 -9.01
N GLU A 105 0.59 -2.80 -9.19
CA GLU A 105 1.54 -2.07 -10.09
C GLU A 105 2.95 -2.07 -9.50
N VAL A 106 3.12 -2.60 -8.31
CA VAL A 106 4.43 -2.66 -7.59
C VAL A 106 4.81 -4.14 -7.38
N PHE A 107 3.89 -5.06 -7.64
CA PHE A 107 4.00 -6.51 -7.34
C PHE A 107 4.94 -7.18 -8.35
N ARG A 108 5.95 -7.88 -7.82
CA ARG A 108 6.90 -8.72 -8.60
C ARG A 108 6.53 -10.18 -8.37
N ALA A 109 6.29 -10.95 -9.44
CA ALA A 109 5.99 -12.41 -9.39
C ALA A 109 7.05 -13.14 -8.54
N GLU A 110 8.28 -12.64 -8.51
CA GLU A 110 9.40 -13.21 -7.70
C GLU A 110 9.07 -13.19 -6.20
N GLU A 111 8.21 -12.28 -5.72
CA GLU A 111 7.65 -12.31 -4.34
C GLU A 111 7.24 -13.74 -3.99
N LEU A 112 6.62 -14.45 -4.93
CA LEU A 112 6.01 -15.79 -4.73
C LEU A 112 6.89 -16.90 -5.34
N MET A 113 7.47 -16.67 -6.53
CA MET A 113 8.28 -17.68 -7.27
C MET A 113 9.49 -18.12 -6.42
N ALA A 114 10.02 -17.24 -5.56
CA ALA A 114 11.27 -17.45 -4.81
C ALA A 114 11.04 -18.29 -3.55
N CYS A 115 9.80 -18.39 -3.04
CA CYS A 115 9.48 -19.08 -1.76
C CYS A 115 8.27 -20.01 -1.86
N ALA A 116 7.57 -20.06 -2.99
CA ALA A 116 6.37 -20.92 -3.20
C ALA A 116 6.79 -22.39 -3.20
N GLY A 117 6.30 -23.17 -2.23
CA GLY A 117 6.47 -24.63 -2.16
C GLY A 117 7.87 -25.03 -1.72
N LEU A 118 8.64 -24.11 -1.12
CA LEU A 118 9.96 -24.40 -0.50
C LEU A 118 9.72 -24.95 0.90
N THR A 119 10.50 -25.98 1.31
CA THR A 119 10.42 -26.62 2.64
C THR A 119 11.80 -26.55 3.31
N SER A 120 12.18 -25.34 3.74
CA SER A 120 13.35 -25.09 4.63
C SER A 120 12.83 -24.54 5.94
N PRO A 121 13.27 -25.09 7.10
CA PRO A 121 12.94 -24.47 8.38
C PRO A 121 13.57 -23.07 8.50
N ARG A 122 14.49 -22.71 7.59
CA ARG A 122 15.22 -21.41 7.57
C ARG A 122 14.62 -20.43 6.57
N ILE A 123 13.47 -20.75 5.97
CA ILE A 123 12.71 -19.87 5.05
C ILE A 123 11.24 -19.86 5.51
N VAL A 124 10.68 -18.67 5.70
CA VAL A 124 9.28 -18.50 6.18
C VAL A 124 8.36 -19.18 5.16
N PRO A 125 7.54 -20.18 5.58
CA PRO A 125 6.60 -20.83 4.67
C PRO A 125 5.56 -19.87 4.07
N LEU A 126 5.35 -19.96 2.76
CA LEU A 126 4.28 -19.22 2.03
C LEU A 126 2.97 -20.03 2.15
N TYR A 127 1.91 -19.38 2.60
CA TYR A 127 0.56 -20.00 2.77
C TYR A 127 -0.29 -19.76 1.51
N GLY A 128 0.05 -18.75 0.70
CA GLY A 128 -0.65 -18.47 -0.56
C GLY A 128 -0.67 -16.97 -0.84
N ALA A 129 -1.30 -16.57 -1.94
CA ALA A 129 -1.52 -15.15 -2.30
C ALA A 129 -2.88 -15.02 -2.98
N VAL A 130 -3.65 -13.99 -2.63
CA VAL A 130 -5.01 -13.73 -3.14
C VAL A 130 -5.08 -12.27 -3.59
N ARG A 131 -5.57 -12.04 -4.81
CA ARG A 131 -5.72 -10.71 -5.45
C ARG A 131 -7.17 -10.25 -5.28
N GLU A 132 -7.36 -9.04 -4.74
CA GLU A 132 -8.65 -8.31 -4.74
C GLU A 132 -8.45 -7.01 -5.53
N GLY A 133 -8.85 -7.00 -6.80
CA GLY A 133 -8.62 -5.86 -7.71
C GLY A 133 -7.14 -5.51 -7.76
N PRO A 134 -6.74 -4.26 -7.41
CA PRO A 134 -5.35 -3.82 -7.52
C PRO A 134 -4.48 -4.15 -6.29
N TRP A 135 -4.99 -4.98 -5.38
CA TRP A 135 -4.29 -5.44 -4.15
C TRP A 135 -3.98 -6.94 -4.25
N VAL A 136 -2.71 -7.31 -4.06
CA VAL A 136 -2.24 -8.72 -3.83
C VAL A 136 -1.99 -8.89 -2.33
N ASN A 137 -2.66 -9.85 -1.70
CA ASN A 137 -2.43 -10.25 -0.29
C ASN A 137 -1.56 -11.51 -0.30
N ILE A 138 -0.39 -11.45 0.35
CA ILE A 138 0.60 -12.57 0.42
C ILE A 138 0.55 -13.12 1.84
N PHE A 139 0.17 -14.40 1.98
CA PHE A 139 -0.06 -15.09 3.27
C PHE A 139 1.14 -15.99 3.58
N MET A 140 1.62 -15.96 4.82
CA MET A 140 2.83 -16.69 5.26
C MET A 140 2.72 -17.02 6.75
N GLU A 141 3.44 -18.04 7.19
CA GLU A 141 3.54 -18.49 8.60
C GLU A 141 3.90 -17.29 9.47
N LEU A 142 3.19 -17.13 10.59
CA LEU A 142 3.47 -16.09 11.62
C LEU A 142 4.61 -16.60 12.53
N LEU A 143 5.69 -15.83 12.67
CA LEU A 143 6.80 -16.10 13.62
C LEU A 143 6.77 -15.05 14.73
N GLU A 144 6.68 -15.47 15.99
CA GLU A 144 6.23 -14.65 17.15
C GLU A 144 7.37 -13.83 17.76
N GLY A 145 8.63 -14.24 17.55
CA GLY A 145 9.82 -13.57 18.15
C GLY A 145 10.12 -12.20 17.56
N GLY A 146 9.55 -11.88 16.40
CA GLY A 146 9.83 -10.60 15.69
C GLY A 146 11.10 -10.71 14.86
N SER A 147 11.63 -9.59 14.39
CA SER A 147 12.77 -9.55 13.44
C SER A 147 14.11 -9.52 14.20
N LEU A 148 15.15 -10.04 13.56
CA LEU A 148 16.56 -9.93 14.01
C LEU A 148 16.96 -8.45 14.05
N GLY A 149 16.35 -7.63 13.19
CA GLY A 149 16.48 -6.16 13.20
C GLY A 149 16.06 -5.56 14.55
N GLN A 150 14.92 -6.00 15.09
CA GLN A 150 14.35 -5.49 16.37
C GLN A 150 15.25 -5.90 17.53
N LEU A 151 15.72 -7.14 17.56
CA LEU A 151 16.59 -7.67 18.64
C LEU A 151 17.87 -6.83 18.69
N VAL A 152 18.53 -6.63 17.55
CA VAL A 152 19.82 -5.88 17.44
C VAL A 152 19.59 -4.46 17.98
N LYS A 153 18.47 -3.83 17.58
CA LYS A 153 18.09 -2.47 18.03
C LYS A 153 17.84 -2.48 19.55
N GLU A 154 17.14 -3.50 20.04
CA GLU A 154 16.78 -3.66 21.48
C GLU A 154 18.05 -3.91 22.31
N GLN A 155 18.92 -4.83 21.88
CA GLN A 155 20.07 -5.33 22.67
C GLN A 155 21.31 -4.43 22.45
N GLY A 156 21.21 -3.43 21.57
CA GLY A 156 22.36 -2.62 21.11
C GLY A 156 23.19 -3.36 20.08
N CYS A 157 23.81 -4.47 20.48
CA CYS A 157 24.47 -5.44 19.56
C CYS A 157 24.46 -6.81 20.22
N LEU A 158 24.61 -7.87 19.43
CA LEU A 158 24.54 -9.28 19.89
C LEU A 158 25.95 -9.72 20.28
N PRO A 159 26.10 -10.64 21.27
CA PRO A 159 27.40 -11.29 21.49
C PRO A 159 27.75 -12.19 20.29
N GLU A 160 29.03 -12.47 20.13
CA GLU A 160 29.64 -13.19 18.97
C GLU A 160 28.91 -14.51 18.72
N ASP A 161 28.72 -15.33 19.75
CA ASP A 161 28.10 -16.68 19.61
C ASP A 161 26.70 -16.52 19.00
N ARG A 162 25.93 -15.55 19.48
CA ARG A 162 24.52 -15.29 19.03
C ARG A 162 24.53 -14.84 17.57
N ALA A 163 25.42 -13.90 17.23
CA ALA A 163 25.62 -13.40 15.86
C ALA A 163 25.94 -14.57 14.93
N LEU A 164 26.88 -15.44 15.35
CA LEU A 164 27.32 -16.61 14.55
C LEU A 164 26.14 -17.57 14.36
N TYR A 165 25.35 -17.78 15.42
CA TYR A 165 24.21 -18.73 15.45
C TYR A 165 23.19 -18.32 14.37
N TYR A 166 22.84 -17.04 14.33
CA TYR A 166 21.82 -16.49 13.39
C TYR A 166 22.41 -16.39 11.97
N LEU A 167 23.62 -15.83 11.82
CA LEU A 167 24.31 -15.82 10.50
C LEU A 167 24.29 -17.24 9.96
N GLY A 168 24.64 -18.22 10.80
CA GLY A 168 24.68 -19.66 10.47
C GLY A 168 23.35 -20.15 9.90
N GLN A 169 22.24 -19.84 10.56
CA GLN A 169 20.86 -20.24 10.13
C GLN A 169 20.48 -19.49 8.85
N ALA A 170 20.86 -18.22 8.71
CA ALA A 170 20.59 -17.44 7.48
C ALA A 170 21.31 -18.09 6.29
N LEU A 171 22.55 -18.57 6.46
CA LEU A 171 23.36 -19.17 5.36
C LEU A 171 22.82 -20.55 4.97
N GLU A 172 22.18 -21.27 5.89
CA GLU A 172 21.49 -22.56 5.59
C GLU A 172 20.32 -22.26 4.64
N GLY A 173 19.55 -21.22 4.92
CA GLY A 173 18.46 -20.73 4.05
C GLY A 173 18.98 -20.27 2.70
N LEU A 174 20.10 -19.55 2.66
CA LEU A 174 20.66 -19.03 1.38
C LEU A 174 21.23 -20.18 0.54
N GLU A 175 21.81 -21.20 1.18
CA GLU A 175 22.27 -22.42 0.48
C GLU A 175 21.07 -23.08 -0.23
N TYR A 176 20.00 -23.33 0.52
CA TYR A 176 18.74 -23.94 0.00
C TYR A 176 18.24 -23.13 -1.21
N LEU A 177 18.15 -21.81 -1.09
CA LEU A 177 17.69 -20.89 -2.19
C LEU A 177 18.65 -20.98 -3.38
N HIS A 178 19.95 -20.88 -3.14
CA HIS A 178 21.01 -20.75 -4.18
C HIS A 178 21.10 -22.02 -5.03
N SER A 179 20.89 -23.19 -4.43
CA SER A 179 20.92 -24.51 -5.10
C SER A 179 19.74 -24.64 -6.06
N ARG A 180 18.67 -23.86 -5.83
CA ARG A 180 17.46 -23.77 -6.69
C ARG A 180 17.50 -22.49 -7.53
N ARG A 181 18.68 -21.86 -7.65
CA ARG A 181 18.94 -20.69 -8.55
C ARG A 181 18.07 -19.50 -8.12
N ILE A 182 17.88 -19.30 -6.81
CA ILE A 182 17.13 -18.15 -6.24
C ILE A 182 18.09 -17.26 -5.44
N LEU A 183 18.16 -15.99 -5.84
CA LEU A 183 18.87 -14.86 -5.19
C LEU A 183 17.87 -14.13 -4.30
N HIS A 184 18.12 -14.01 -2.98
CA HIS A 184 17.20 -13.32 -2.04
C HIS A 184 17.15 -11.82 -2.33
N GLY A 185 18.30 -11.15 -2.33
CA GLY A 185 18.47 -9.78 -2.86
C GLY A 185 18.39 -8.70 -1.79
N ASP A 186 18.00 -9.04 -0.57
CA ASP A 186 17.81 -8.07 0.54
C ASP A 186 18.10 -8.76 1.87
N VAL A 187 19.23 -9.44 1.97
CA VAL A 187 19.64 -10.13 3.23
C VAL A 187 20.11 -9.06 4.21
N LYS A 188 19.33 -8.85 5.28
CA LYS A 188 19.67 -7.92 6.38
C LYS A 188 18.88 -8.39 7.59
N ALA A 189 19.25 -7.91 8.79
CA ALA A 189 18.63 -8.32 10.06
C ALA A 189 17.11 -8.15 9.98
N ASP A 190 16.62 -7.07 9.37
CA ASP A 190 15.18 -6.74 9.26
C ASP A 190 14.40 -7.86 8.55
N ASN A 191 15.03 -8.66 7.68
CA ASN A 191 14.35 -9.73 6.89
C ASN A 191 14.70 -11.12 7.44
N VAL A 192 15.27 -11.21 8.63
CA VAL A 192 15.40 -12.47 9.40
C VAL A 192 14.39 -12.40 10.56
N LEU A 193 13.48 -13.37 10.62
CA LEU A 193 12.45 -13.48 11.69
C LEU A 193 12.88 -14.57 12.70
N LEU A 194 12.63 -14.32 13.98
CA LEU A 194 12.95 -15.26 15.09
C LEU A 194 11.67 -15.88 15.65
N SER A 195 11.76 -17.15 16.07
CA SER A 195 10.77 -17.87 16.91
C SER A 195 10.64 -17.14 18.26
N SER A 196 9.61 -17.46 19.05
CA SER A 196 9.29 -16.77 20.33
C SER A 196 10.45 -16.93 21.33
N ASP A 197 11.13 -18.08 21.34
CA ASP A 197 12.26 -18.35 22.28
C ASP A 197 13.60 -17.92 21.63
N GLY A 198 13.60 -17.52 20.36
CA GLY A 198 14.77 -16.94 19.68
C GLY A 198 15.73 -18.01 19.15
N SER A 199 15.32 -19.28 19.18
CA SER A 199 16.17 -20.46 18.84
C SER A 199 16.17 -20.72 17.33
N HIS A 200 15.07 -20.40 16.63
CA HIS A 200 14.91 -20.58 15.17
C HIS A 200 14.87 -19.22 14.47
N ALA A 201 15.58 -19.09 13.35
CA ALA A 201 15.62 -17.89 12.48
C ALA A 201 15.22 -18.32 11.07
N ALA A 202 14.48 -17.47 10.36
CA ALA A 202 14.01 -17.77 9.00
C ALA A 202 14.07 -16.51 8.14
N LEU A 203 14.49 -16.64 6.88
CA LEU A 203 14.50 -15.55 5.88
C LEU A 203 13.04 -15.27 5.46
N CYS A 204 12.70 -13.99 5.34
CA CYS A 204 11.40 -13.51 4.83
C CYS A 204 11.63 -12.38 3.82
N ASP A 205 10.55 -11.95 3.16
CA ASP A 205 10.44 -10.76 2.27
C ASP A 205 11.31 -10.96 1.04
N PHE A 206 10.71 -11.50 -0.01
CA PHE A 206 11.37 -11.86 -1.29
C PHE A 206 11.03 -10.80 -2.34
N GLY A 207 10.77 -9.57 -1.88
CA GLY A 207 10.49 -8.40 -2.73
C GLY A 207 11.58 -8.14 -3.75
N HIS A 208 12.85 -8.41 -3.41
CA HIS A 208 14.03 -8.07 -4.25
C HIS A 208 14.60 -9.33 -4.90
N ALA A 209 13.92 -10.47 -4.78
CA ALA A 209 14.38 -11.78 -5.29
C ALA A 209 14.46 -11.76 -6.82
N VAL A 210 15.45 -12.46 -7.38
CA VAL A 210 15.53 -12.77 -8.84
C VAL A 210 15.75 -14.27 -8.96
N CYS A 211 15.08 -14.89 -9.94
CA CYS A 211 15.29 -16.30 -10.35
C CYS A 211 16.31 -16.31 -11.48
N LEU A 212 17.44 -17.01 -11.30
CA LEU A 212 18.61 -17.00 -12.24
C LEU A 212 18.45 -18.12 -13.27
N ASP A 225 18.89 -7.02 -13.80
CA ASP A 225 17.49 -7.21 -13.33
C ASP A 225 17.39 -7.08 -11.80
N TYR A 226 18.51 -7.11 -11.07
CA TYR A 226 18.52 -7.07 -9.59
C TYR A 226 18.25 -5.64 -9.10
N ILE A 227 17.06 -5.40 -8.54
CA ILE A 227 16.72 -4.15 -7.79
C ILE A 227 17.48 -4.20 -6.47
N PRO A 228 18.49 -3.32 -6.25
CA PRO A 228 19.27 -3.38 -5.02
C PRO A 228 18.43 -2.95 -3.81
N GLY A 229 18.69 -3.58 -2.66
CA GLY A 229 18.06 -3.23 -1.36
C GLY A 229 18.81 -2.09 -0.70
N THR A 230 19.24 -2.29 0.53
CA THR A 230 19.87 -1.25 1.40
C THR A 230 21.30 -1.02 0.93
N GLU A 231 21.68 0.22 0.64
CA GLU A 231 22.97 0.57 0.00
C GLU A 231 24.13 0.03 0.86
N THR A 232 23.94 -0.03 2.18
CA THR A 232 25.00 -0.46 3.14
C THR A 232 25.36 -1.94 2.93
N HIS A 233 24.45 -2.74 2.38
CA HIS A 233 24.55 -4.22 2.29
C HIS A 233 24.80 -4.67 0.85
N MET A 234 24.99 -3.72 -0.08
CA MET A 234 25.13 -3.99 -1.53
C MET A 234 26.59 -4.35 -1.85
N ALA A 235 26.78 -5.43 -2.62
CA ALA A 235 28.10 -5.94 -3.08
C ALA A 235 28.71 -4.99 -4.10
N PRO A 236 30.04 -4.90 -4.24
CA PRO A 236 30.67 -4.01 -5.23
C PRO A 236 30.15 -4.19 -6.66
N GLU A 237 29.96 -5.44 -7.11
CA GLU A 237 29.49 -5.77 -8.49
C GLU A 237 28.13 -5.11 -8.77
N VAL A 238 27.26 -5.01 -7.77
CA VAL A 238 25.91 -4.37 -7.88
C VAL A 238 26.13 -2.88 -8.14
N VAL A 239 26.90 -2.24 -7.27
CA VAL A 239 27.15 -0.77 -7.22
C VAL A 239 27.83 -0.31 -8.52
N LEU A 240 28.73 -1.12 -9.07
CA LEU A 240 29.51 -0.80 -10.30
C LEU A 240 28.62 -0.96 -11.54
N GLY A 241 27.46 -1.62 -11.41
CA GLY A 241 26.48 -1.83 -12.49
C GLY A 241 26.82 -3.07 -13.32
N ARG A 242 27.67 -3.96 -12.80
CA ARG A 242 28.00 -5.27 -13.42
C ARG A 242 26.87 -6.26 -13.13
N SER A 243 26.79 -7.36 -13.89
CA SER A 243 25.74 -8.41 -13.74
C SER A 243 26.02 -9.23 -12.47
N CYS A 244 24.96 -9.66 -11.79
CA CYS A 244 24.99 -10.23 -10.42
C CYS A 244 24.66 -11.73 -10.44
N ASP A 245 25.07 -12.44 -9.38
CA ASP A 245 24.68 -13.85 -9.10
C ASP A 245 24.43 -13.99 -7.59
N ALA A 246 24.30 -15.22 -7.10
CA ALA A 246 23.94 -15.56 -5.71
C ALA A 246 24.96 -15.00 -4.72
N LYS A 247 26.19 -14.72 -5.17
CA LYS A 247 27.30 -14.21 -4.32
C LYS A 247 26.92 -12.86 -3.68
N VAL A 248 26.02 -12.07 -4.28
CA VAL A 248 25.58 -10.77 -3.72
C VAL A 248 24.96 -11.02 -2.34
N ASP A 249 24.25 -12.14 -2.15
CA ASP A 249 23.62 -12.52 -0.87
C ASP A 249 24.72 -12.78 0.18
N VAL A 250 25.84 -13.38 -0.21
CA VAL A 250 26.93 -13.77 0.73
C VAL A 250 27.55 -12.48 1.31
N TRP A 251 27.84 -11.51 0.44
CA TRP A 251 28.32 -10.17 0.83
C TRP A 251 27.36 -9.53 1.86
N SER A 252 26.05 -9.48 1.57
CA SER A 252 25.07 -8.81 2.46
C SER A 252 24.96 -9.55 3.80
N SER A 253 25.08 -10.87 3.79
CA SER A 253 25.03 -11.73 5.00
C SER A 253 26.16 -11.34 5.96
N CYS A 254 27.34 -10.98 5.45
CA CYS A 254 28.49 -10.50 6.26
C CYS A 254 28.32 -9.02 6.66
N CYS A 255 27.60 -8.22 5.86
CA CYS A 255 27.24 -6.83 6.25
C CYS A 255 26.28 -6.92 7.43
N MET A 256 25.30 -7.82 7.35
CA MET A 256 24.36 -8.13 8.46
C MET A 256 25.15 -8.65 9.67
N MET A 257 26.18 -9.47 9.44
CA MET A 257 27.07 -9.98 10.53
C MET A 257 27.70 -8.79 11.27
N LEU A 258 28.29 -7.85 10.54
CA LEU A 258 28.95 -6.66 11.14
C LEU A 258 27.92 -5.83 11.91
N HIS A 259 26.70 -5.73 11.38
CA HIS A 259 25.57 -4.99 12.02
C HIS A 259 25.25 -5.62 13.39
N MET A 260 25.14 -6.94 13.46
CA MET A 260 24.85 -7.67 14.72
C MET A 260 25.99 -7.48 15.73
N LEU A 261 27.25 -7.46 15.29
CA LEU A 261 28.42 -7.37 16.20
C LEU A 261 28.62 -5.92 16.67
N ASN A 262 28.50 -4.94 15.77
CA ASN A 262 28.86 -3.52 16.03
C ASN A 262 27.64 -2.70 16.45
N GLY A 263 26.42 -3.17 16.15
CA GLY A 263 25.17 -2.44 16.43
C GLY A 263 24.93 -1.29 15.49
N CYS A 264 25.66 -1.23 14.36
CA CYS A 264 25.46 -0.25 13.27
C CYS A 264 25.77 -0.92 11.92
N HIS A 265 25.15 -0.44 10.84
CA HIS A 265 25.46 -0.87 9.46
C HIS A 265 26.93 -0.58 9.20
N PRO A 266 27.61 -1.38 8.34
CA PRO A 266 28.96 -1.03 7.88
C PRO A 266 28.91 0.28 7.07
N TRP A 267 30.05 0.95 6.91
CA TRP A 267 30.22 2.18 6.08
C TRP A 267 29.74 3.42 6.85
N THR A 268 28.51 3.40 7.38
CA THR A 268 27.75 4.61 7.83
C THR A 268 28.53 5.44 8.85
N GLN A 269 29.39 4.81 9.67
CA GLN A 269 30.13 5.49 10.76
C GLN A 269 31.44 6.12 10.26
N PHE A 270 31.75 6.06 8.96
CA PHE A 270 33.02 6.58 8.39
C PHE A 270 32.77 7.45 7.14
N PHE A 271 31.64 7.28 6.44
CA PHE A 271 31.39 7.95 5.13
C PHE A 271 29.97 8.53 5.09
N ARG A 272 29.82 9.64 4.35
CA ARG A 272 28.53 10.34 4.09
C ARG A 272 28.18 10.18 2.60
N GLY A 273 27.14 10.88 2.14
CA GLY A 273 26.69 10.89 0.72
C GLY A 273 26.21 9.52 0.27
N PRO A 274 25.87 9.35 -1.03
CA PRO A 274 25.57 8.03 -1.59
C PRO A 274 26.81 7.11 -1.47
N LEU A 275 26.71 6.08 -0.63
CA LEU A 275 27.85 5.20 -0.21
C LEU A 275 28.34 4.37 -1.40
N CYS A 276 27.48 4.17 -2.40
CA CYS A 276 27.72 3.36 -3.62
C CYS A 276 29.11 3.63 -4.21
N LEU A 277 29.54 4.90 -4.22
CA LEU A 277 30.90 5.30 -4.67
C LEU A 277 31.95 4.69 -3.73
N LYS A 278 31.77 4.79 -2.42
CA LYS A 278 32.74 4.31 -1.40
C LYS A 278 32.84 2.78 -1.48
N ILE A 279 31.70 2.09 -1.65
CA ILE A 279 31.65 0.60 -1.74
C ILE A 279 32.47 0.14 -2.94
N ALA A 280 32.35 0.83 -4.07
CA ALA A 280 33.11 0.53 -5.31
C ALA A 280 34.60 0.73 -5.05
N SER A 281 34.99 1.86 -4.43
CA SER A 281 36.38 2.38 -4.39
C SER A 281 37.17 1.81 -3.21
N GLU A 282 36.57 1.75 -2.02
CA GLU A 282 37.29 1.41 -0.77
C GLU A 282 37.66 -0.06 -0.79
N PRO A 283 38.65 -0.50 0.03
CA PRO A 283 38.79 -1.91 0.36
C PRO A 283 37.50 -2.37 1.04
N PRO A 284 37.24 -3.69 1.15
CA PRO A 284 36.05 -4.17 1.84
C PRO A 284 36.05 -3.75 3.31
N PRO A 285 34.88 -3.65 3.98
CA PRO A 285 34.79 -3.11 5.34
C PRO A 285 35.30 -4.05 6.45
N VAL A 286 36.36 -4.81 6.14
CA VAL A 286 37.04 -5.79 7.02
C VAL A 286 37.61 -5.09 8.27
N ARG A 287 37.86 -3.78 8.21
CA ARG A 287 38.37 -2.98 9.36
C ARG A 287 37.29 -2.81 10.43
N GLU A 288 36.01 -2.99 10.07
CA GLU A 288 34.87 -2.91 11.01
C GLU A 288 34.74 -4.19 11.83
N ILE A 289 35.47 -5.25 11.49
CA ILE A 289 35.50 -6.52 12.26
C ILE A 289 36.09 -6.21 13.64
N PRO A 290 35.38 -6.49 14.75
CA PRO A 290 35.89 -6.16 16.09
C PRO A 290 37.17 -6.94 16.37
N PRO A 291 38.24 -6.28 16.88
CA PRO A 291 39.47 -6.98 17.28
C PRO A 291 39.22 -8.16 18.25
N SER A 292 38.18 -8.09 19.09
CA SER A 292 37.87 -9.10 20.14
C SER A 292 37.28 -10.38 19.56
N CYS A 293 37.05 -10.45 18.24
CA CYS A 293 36.41 -11.62 17.56
C CYS A 293 37.41 -12.77 17.48
N ALA A 294 36.93 -14.01 17.53
CA ALA A 294 37.72 -15.26 17.37
C ALA A 294 38.37 -15.27 15.99
N PRO A 295 39.55 -15.91 15.82
CA PRO A 295 40.24 -15.93 14.53
C PRO A 295 39.38 -16.43 13.36
N LEU A 296 38.63 -17.52 13.58
CA LEU A 296 37.76 -18.14 12.55
C LEU A 296 36.57 -17.23 12.22
N THR A 297 36.13 -16.37 13.15
CA THR A 297 35.03 -15.38 12.90
C THR A 297 35.56 -14.33 11.92
N ALA A 298 36.70 -13.74 12.24
CA ALA A 298 37.37 -12.69 11.43
C ALA A 298 37.61 -13.24 10.01
N GLN A 299 38.05 -14.50 9.92
CA GLN A 299 38.40 -15.16 8.63
C GLN A 299 37.12 -15.38 7.79
N ALA A 300 36.04 -15.84 8.44
CA ALA A 300 34.75 -16.12 7.81
C ALA A 300 34.23 -14.86 7.10
N ILE A 301 34.24 -13.72 7.81
CA ILE A 301 33.70 -12.41 7.34
C ILE A 301 34.61 -11.89 6.20
N GLN A 302 35.93 -12.02 6.37
CA GLN A 302 36.95 -11.64 5.36
C GLN A 302 36.65 -12.35 4.03
N GLU A 303 36.32 -13.64 4.07
CA GLU A 303 36.13 -14.47 2.85
C GLU A 303 34.76 -14.17 2.24
N GLY A 304 33.78 -13.80 3.06
CA GLY A 304 32.45 -13.33 2.64
C GLY A 304 32.47 -11.94 2.03
N LEU A 305 33.41 -11.08 2.46
CA LEU A 305 33.53 -9.67 1.98
C LEU A 305 34.70 -9.53 1.00
N ARG A 306 34.90 -10.51 0.13
CA ARG A 306 35.81 -10.37 -1.04
C ARG A 306 35.07 -9.57 -2.12
N LYS A 307 35.71 -8.52 -2.63
CA LYS A 307 35.10 -7.57 -3.60
C LYS A 307 34.78 -8.28 -4.92
N GLU A 308 35.63 -9.21 -5.36
N GLU A 308 35.62 -9.24 -5.33
CA GLU A 308 35.41 -10.03 -6.59
CA GLU A 308 35.43 -10.03 -6.58
C GLU A 308 34.54 -11.22 -6.26
C GLU A 308 34.55 -11.24 -6.29
N PRO A 309 33.31 -11.32 -6.82
CA PRO A 309 32.40 -12.42 -6.49
C PRO A 309 32.92 -13.82 -6.82
N ILE A 310 33.77 -13.96 -7.84
CA ILE A 310 34.33 -15.28 -8.27
C ILE A 310 35.21 -15.83 -7.13
N HIS A 311 35.86 -14.97 -6.33
CA HIS A 311 36.75 -15.36 -5.21
C HIS A 311 35.99 -15.38 -3.88
N ARG A 312 34.85 -14.69 -3.78
CA ARG A 312 33.98 -14.73 -2.56
C ARG A 312 33.48 -16.15 -2.36
N VAL A 313 33.47 -16.63 -1.10
CA VAL A 313 32.97 -17.99 -0.75
C VAL A 313 31.47 -18.09 -1.07
N SER A 314 30.99 -19.31 -1.31
CA SER A 314 29.55 -19.64 -1.50
C SER A 314 28.85 -19.56 -0.14
N ALA A 315 27.52 -19.53 -0.12
CA ALA A 315 26.71 -19.56 1.13
C ALA A 315 27.03 -20.85 1.90
N ALA A 316 27.12 -21.98 1.17
CA ALA A 316 27.47 -23.33 1.67
C ALA A 316 28.84 -23.31 2.35
N GLU A 317 29.85 -22.70 1.71
CA GLU A 317 31.25 -22.62 2.20
C GLU A 317 31.30 -21.72 3.45
N LEU A 318 30.64 -20.56 3.42
CA LEU A 318 30.65 -19.60 4.56
C LEU A 318 29.91 -20.23 5.74
N GLY A 319 28.81 -20.95 5.46
CA GLY A 319 28.02 -21.70 6.45
C GLY A 319 28.88 -22.67 7.23
N GLY A 320 29.73 -23.44 6.54
CA GLY A 320 30.74 -24.32 7.15
C GLY A 320 31.65 -23.57 8.10
N LYS A 321 32.30 -22.51 7.63
CA LYS A 321 33.31 -21.71 8.39
C LYS A 321 32.66 -21.07 9.63
N VAL A 322 31.42 -20.60 9.48
CA VAL A 322 30.63 -19.95 10.57
C VAL A 322 30.28 -21.00 11.62
N ASN A 323 29.84 -22.20 11.20
CA ASN A 323 29.57 -23.34 12.11
C ASN A 323 30.83 -23.67 12.92
N ARG A 324 31.99 -23.66 12.28
CA ARG A 324 33.31 -23.92 12.92
C ARG A 324 33.66 -22.77 13.87
N ALA A 325 33.41 -21.53 13.44
CA ALA A 325 33.66 -20.31 14.24
C ALA A 325 32.84 -20.39 15.53
N LEU A 326 31.58 -20.85 15.44
CA LEU A 326 30.65 -20.96 16.60
C LEU A 326 31.22 -21.99 17.60
N GLN A 327 31.61 -23.17 17.13
CA GLN A 327 32.25 -24.21 17.97
C GLN A 327 33.47 -23.61 18.67
N GLN A 328 34.31 -22.87 17.94
CA GLN A 328 35.59 -22.30 18.44
C GLN A 328 35.32 -21.38 19.64
N VAL A 329 34.20 -20.64 19.64
CA VAL A 329 33.87 -19.67 20.74
C VAL A 329 33.14 -20.39 21.88
N GLY A 330 32.76 -21.67 21.68
CA GLY A 330 32.24 -22.56 22.73
C GLY A 330 30.76 -22.89 22.56
N GLY A 331 30.21 -22.64 21.37
CA GLY A 331 28.78 -22.88 21.05
C GLY A 331 27.89 -21.73 21.51
N LEU A 332 26.58 -21.85 21.31
CA LEU A 332 25.55 -20.87 21.76
C LEU A 332 25.37 -21.01 23.27
N LYS A 333 25.93 -20.06 24.03
CA LYS A 333 25.81 -19.98 25.51
C LYS A 333 25.05 -18.71 25.92
N SER A 334 25.27 -17.60 25.19
CA SER A 334 24.68 -16.27 25.47
C SER A 334 23.16 -16.36 25.56
N PRO A 335 22.53 -15.69 26.55
CA PRO A 335 21.09 -15.82 26.77
C PRO A 335 20.22 -15.12 25.71
N TRP A 336 19.01 -15.64 25.52
CA TRP A 336 17.92 -15.01 24.73
C TRP A 336 17.48 -13.72 25.44
N ARG A 337 17.74 -12.56 24.83
CA ARG A 337 17.41 -11.22 25.35
C ARG A 337 18.19 -10.97 26.65
N GLY A 338 19.52 -10.88 26.53
CA GLY A 338 20.43 -10.51 27.64
C GLY A 338 20.39 -9.02 27.91
N GLU A 339 21.54 -8.44 28.24
CA GLU A 339 21.68 -7.01 28.67
C GLU A 339 22.22 -6.17 27.51
N TYR A 340 21.89 -4.87 27.50
CA TYR A 340 22.25 -3.89 26.45
C TYR A 340 23.78 -3.73 26.37
N LYS A 341 24.36 -4.03 25.21
CA LYS A 341 25.79 -3.75 24.89
C LYS A 341 25.82 -2.48 24.04
N GLU A 342 26.58 -1.47 24.47
CA GLU A 342 26.66 -0.14 23.80
C GLU A 342 27.15 -0.35 22.36
N PRO A 343 26.32 -0.02 21.34
CA PRO A 343 26.79 -0.03 19.95
C PRO A 343 28.08 0.80 19.79
N ARG A 344 28.90 0.45 18.81
CA ARG A 344 30.19 1.14 18.53
C ARG A 344 29.90 2.62 18.24
N HIS A 345 30.71 3.53 18.78
CA HIS A 345 30.62 5.00 18.55
C HIS A 345 31.33 5.34 17.24
N PRO A 346 30.86 6.35 16.47
CA PRO A 346 31.66 6.91 15.38
C PRO A 346 33.06 7.33 15.85
N PRO A 347 34.09 7.27 14.99
CA PRO A 347 35.46 7.58 15.41
C PRO A 347 35.71 9.08 15.57
N SER B 3 9.88 30.99 -12.62
CA SER B 3 9.80 29.69 -11.89
C SER B 3 10.29 29.86 -10.46
N VAL B 4 9.40 30.29 -9.55
CA VAL B 4 9.70 30.49 -8.10
C VAL B 4 9.83 29.12 -7.43
N GLU B 5 9.10 28.12 -7.93
CA GLU B 5 8.97 26.75 -7.35
C GLU B 5 10.32 26.03 -7.35
N GLU B 6 11.24 26.36 -8.27
CA GLU B 6 12.56 25.70 -8.44
C GLU B 6 13.40 25.82 -7.15
N TYR B 7 13.47 27.02 -6.57
CA TYR B 7 14.28 27.36 -5.37
C TYR B 7 13.52 26.99 -4.09
N LEU B 8 12.18 26.93 -4.16
CA LEU B 8 11.27 26.61 -3.02
C LEU B 8 11.37 25.11 -2.67
N VAL B 9 11.32 24.23 -3.67
CA VAL B 9 11.38 22.75 -3.45
C VAL B 9 12.73 22.38 -2.83
N HIS B 10 13.83 22.96 -3.33
CA HIS B 10 15.20 22.74 -2.79
C HIS B 10 15.22 23.05 -1.29
N ALA B 11 14.50 24.09 -0.87
CA ALA B 11 14.39 24.53 0.54
C ALA B 11 13.54 23.54 1.36
N LEU B 12 12.45 23.03 0.77
CA LEU B 12 11.47 22.15 1.47
C LEU B 12 11.96 20.69 1.49
N GLN B 13 12.68 20.26 0.46
CA GLN B 13 13.12 18.84 0.28
C GLN B 13 14.04 18.44 1.44
N GLY B 14 13.79 17.25 2.01
CA GLY B 14 14.57 16.64 3.10
C GLY B 14 14.04 17.03 4.48
N SER B 15 13.01 17.89 4.55
CA SER B 15 12.41 18.37 5.83
C SER B 15 10.89 18.21 5.81
N VAL B 16 10.32 17.92 6.98
CA VAL B 16 8.87 18.12 7.25
C VAL B 16 8.72 19.46 7.98
N SER B 17 7.91 20.37 7.43
CA SER B 17 7.72 21.75 7.93
C SER B 17 6.23 22.07 7.99
N SER B 18 5.84 22.99 8.88
CA SER B 18 4.55 23.73 8.81
C SER B 18 4.68 24.76 7.68
N GLY B 19 3.72 24.80 6.76
CA GLY B 19 3.79 25.61 5.52
C GLY B 19 2.43 25.79 4.87
N GLN B 20 2.42 26.29 3.64
CA GLN B 20 1.19 26.65 2.88
C GLN B 20 0.87 25.55 1.87
N ALA B 21 -0.41 25.47 1.46
CA ALA B 21 -0.93 24.55 0.43
C ALA B 21 -0.01 24.54 -0.80
N HIS B 22 0.49 25.70 -1.22
CA HIS B 22 1.34 25.88 -2.44
C HIS B 22 2.70 25.18 -2.25
N SER B 23 3.24 25.17 -1.02
CA SER B 23 4.50 24.46 -0.68
C SER B 23 4.30 22.95 -0.87
N LEU B 24 3.21 22.42 -0.32
CA LEU B 24 2.88 20.97 -0.38
C LEU B 24 2.72 20.56 -1.84
N THR B 25 1.91 21.32 -2.58
CA THR B 25 1.60 21.11 -4.02
C THR B 25 2.90 21.10 -4.84
N SER B 26 3.87 21.94 -4.48
CA SER B 26 5.17 22.07 -5.19
C SER B 26 6.04 20.83 -4.91
N LEU B 27 6.03 20.33 -3.68
CA LEU B 27 6.80 19.13 -3.28
C LEU B 27 6.13 17.87 -3.84
N ALA B 28 4.79 17.82 -3.86
CA ALA B 28 3.98 16.69 -4.37
C ALA B 28 4.22 16.47 -5.87
N LYS B 29 4.45 17.54 -6.64
CA LYS B 29 4.94 17.47 -8.05
C LYS B 29 6.24 16.65 -8.09
N THR B 30 7.12 16.90 -7.14
CA THR B 30 8.48 16.30 -7.00
C THR B 30 8.35 14.79 -6.78
N TRP B 31 7.34 14.37 -6.01
CA TRP B 31 7.09 12.95 -5.62
C TRP B 31 6.59 12.14 -6.83
N ALA B 32 5.64 12.68 -7.58
CA ALA B 32 5.03 12.01 -8.76
C ALA B 32 6.07 11.82 -9.87
N ALA B 33 7.15 12.60 -9.86
CA ALA B 33 8.31 12.46 -10.77
C ALA B 33 9.24 11.33 -10.29
N ARG B 34 9.42 11.18 -8.98
CA ARG B 34 10.28 10.14 -8.35
C ARG B 34 9.67 8.75 -8.57
N GLY B 35 8.35 8.62 -8.37
CA GLY B 35 7.59 7.37 -8.51
C GLY B 35 7.62 6.81 -9.92
N SER B 36 7.76 7.68 -10.93
CA SER B 36 7.96 7.31 -12.35
C SER B 36 9.36 6.71 -12.56
N ARG B 37 10.33 7.16 -11.75
CA ARG B 37 11.77 6.80 -11.87
C ARG B 37 11.98 5.36 -11.36
N SER B 38 13.05 4.71 -11.82
CA SER B 38 13.50 3.36 -11.40
C SER B 38 14.12 3.44 -9.99
N ARG B 39 13.84 2.46 -9.14
CA ARG B 39 14.29 2.41 -7.72
C ARG B 39 15.82 2.34 -7.68
N GLU B 40 16.43 3.07 -6.74
CA GLU B 40 17.90 3.12 -6.49
C GLU B 40 18.18 2.38 -5.18
N PRO B 41 19.48 2.15 -4.81
CA PRO B 41 19.82 1.66 -3.48
C PRO B 41 19.26 2.58 -2.38
N SER B 42 18.52 2.00 -1.43
CA SER B 42 17.84 2.74 -0.33
C SER B 42 18.84 3.11 0.76
N PRO B 43 18.84 4.37 1.24
CA PRO B 43 19.71 4.78 2.36
C PRO B 43 19.34 4.06 3.67
N LYS B 44 20.26 4.01 4.63
CA LYS B 44 20.03 3.39 5.96
C LYS B 44 18.76 3.99 6.59
N THR B 45 18.67 5.32 6.62
CA THR B 45 17.49 6.08 7.12
C THR B 45 16.72 6.67 5.93
N GLU B 46 15.44 6.34 5.84
CA GLU B 46 14.52 6.81 4.77
C GLU B 46 14.51 8.33 4.71
N ASP B 47 14.44 8.90 3.51
CA ASP B 47 14.00 10.31 3.28
C ASP B 47 12.70 10.53 4.08
N ASN B 48 12.59 11.69 4.73
CA ASN B 48 11.40 12.16 5.46
C ASN B 48 11.17 13.62 5.09
N GLU B 49 10.11 13.91 4.35
CA GLU B 49 9.84 15.29 3.86
C GLU B 49 8.34 15.48 3.66
N GLY B 50 7.89 16.73 3.69
CA GLY B 50 6.49 17.09 3.46
C GLY B 50 6.12 18.39 4.14
N VAL B 51 4.84 18.75 4.03
CA VAL B 51 4.24 20.00 4.57
C VAL B 51 2.93 19.64 5.26
N LEU B 52 2.76 20.08 6.51
CA LEU B 52 1.52 19.95 7.31
C LEU B 52 0.85 21.32 7.40
N LEU B 53 -0.46 21.40 7.13
CA LEU B 53 -1.21 22.67 6.95
C LEU B 53 -1.99 23.04 8.20
N THR B 54 -1.84 22.25 9.28
CA THR B 54 -2.60 22.45 10.55
C THR B 54 -1.62 22.31 11.73
N GLU B 55 -1.81 23.15 12.74
CA GLU B 55 -1.12 23.07 14.07
C GLU B 55 -1.51 21.76 14.77
N LYS B 56 -2.62 21.14 14.38
CA LYS B 56 -3.12 19.84 14.94
C LYS B 56 -2.08 18.73 14.72
N LEU B 57 -1.26 18.81 13.67
CA LEU B 57 -0.17 17.84 13.37
C LEU B 57 1.17 18.56 13.47
N LYS B 58 2.04 18.14 14.39
CA LYS B 58 3.28 18.89 14.74
C LYS B 58 4.51 18.04 14.45
N PRO B 59 5.39 18.50 13.54
CA PRO B 59 6.68 17.85 13.31
C PRO B 59 7.62 18.15 14.49
N VAL B 60 8.57 17.25 14.77
CA VAL B 60 9.59 17.41 15.84
C VAL B 60 10.97 17.40 15.17
N ASP B 61 11.70 18.53 15.26
CA ASP B 61 13.04 18.73 14.64
C ASP B 61 12.96 18.38 13.15
N TYR B 62 11.90 18.84 12.46
CA TYR B 62 11.73 18.77 10.98
C TYR B 62 11.50 17.33 10.51
N GLU B 63 11.02 16.46 11.42
CA GLU B 63 10.71 15.04 11.15
C GLU B 63 9.23 14.76 11.48
N TYR B 64 8.63 13.83 10.74
CA TYR B 64 7.28 13.28 11.03
C TYR B 64 7.23 11.84 10.49
N ARG B 65 7.55 10.89 11.36
CA ARG B 65 7.74 9.45 11.02
C ARG B 65 6.71 8.65 11.81
N GLU B 66 6.13 7.64 11.17
CA GLU B 66 5.13 6.73 11.78
C GLU B 66 5.83 5.90 12.86
N GLU B 67 5.16 5.69 14.00
CA GLU B 67 5.65 4.96 15.21
C GLU B 67 6.55 5.85 16.07
N VAL B 68 7.01 7.01 15.56
CA VAL B 68 7.87 7.97 16.31
C VAL B 68 7.03 9.17 16.75
N HIS B 69 6.42 9.88 15.80
CA HIS B 69 5.69 11.15 16.02
C HIS B 69 4.17 10.96 15.95
N TRP B 70 3.71 9.92 15.23
CA TRP B 70 2.27 9.55 15.13
C TRP B 70 2.14 8.05 14.94
N ALA B 71 0.92 7.53 15.07
CA ALA B 71 0.61 6.08 14.95
C ALA B 71 -0.86 5.90 14.55
N THR B 72 -1.14 4.85 13.77
CA THR B 72 -2.52 4.36 13.51
C THR B 72 -2.99 3.63 14.78
N HIS B 73 -4.30 3.66 15.07
CA HIS B 73 -4.92 2.80 16.10
C HIS B 73 -6.31 2.36 15.65
N GLN B 74 -6.72 1.16 16.09
CA GLN B 74 -7.98 0.47 15.70
C GLN B 74 -7.83 -0.06 14.27
N LEU B 75 -8.88 -0.69 13.73
CA LEU B 75 -8.86 -1.29 12.37
C LEU B 75 -9.09 -0.19 11.33
N ARG B 76 -8.71 -0.48 10.08
CA ARG B 76 -8.71 0.47 8.93
C ARG B 76 -10.14 1.03 8.75
N LEU B 77 -10.23 2.28 8.26
CA LEU B 77 -11.51 2.96 7.93
C LEU B 77 -12.02 2.41 6.60
N GLY B 78 -11.11 2.11 5.66
CA GLY B 78 -11.42 1.44 4.39
C GLY B 78 -10.27 1.50 3.41
N ARG B 79 -10.55 1.14 2.15
CA ARG B 79 -9.62 1.27 1.00
C ARG B 79 -9.98 2.53 0.24
N GLY B 80 -9.02 3.44 0.07
CA GLY B 80 -9.08 4.55 -0.90
C GLY B 80 -8.63 4.06 -2.26
N SER B 81 -8.68 4.91 -3.29
CA SER B 81 -8.35 4.55 -4.69
C SER B 81 -6.96 3.92 -4.78
N PHE B 82 -5.95 4.52 -4.13
CA PHE B 82 -4.52 4.13 -4.29
C PHE B 82 -3.89 3.73 -2.95
N GLY B 83 -4.69 3.53 -1.90
CA GLY B 83 -4.15 3.15 -0.58
C GLY B 83 -5.23 2.97 0.47
N GLU B 84 -4.88 2.30 1.56
CA GLU B 84 -5.76 2.07 2.73
C GLU B 84 -5.86 3.36 3.55
N VAL B 85 -6.96 3.52 4.26
CA VAL B 85 -7.26 4.70 5.12
C VAL B 85 -7.39 4.21 6.56
N HIS B 86 -6.68 4.87 7.49
CA HIS B 86 -6.71 4.60 8.94
C HIS B 86 -6.97 5.89 9.72
N ARG B 87 -7.55 5.74 10.91
CA ARG B 87 -7.50 6.73 12.01
C ARG B 87 -6.06 6.76 12.53
N MET B 88 -5.51 7.95 12.78
CA MET B 88 -4.13 8.09 13.33
C MET B 88 -4.14 9.18 14.42
N GLU B 89 -3.21 9.07 15.37
CA GLU B 89 -3.07 10.04 16.48
C GLU B 89 -1.64 10.61 16.47
N ASP B 90 -1.52 11.93 16.42
CA ASP B 90 -0.27 12.68 16.68
C ASP B 90 0.08 12.55 18.16
N LYS B 91 1.29 12.09 18.47
CA LYS B 91 1.77 11.79 19.85
C LYS B 91 2.16 13.08 20.59
N GLN B 92 2.25 14.21 19.88
CA GLN B 92 2.70 15.52 20.44
C GLN B 92 1.49 16.36 20.88
N THR B 93 0.44 16.46 20.06
CA THR B 93 -0.75 17.30 20.31
C THR B 93 -1.95 16.44 20.73
N GLY B 94 -1.97 15.15 20.40
CA GLY B 94 -3.04 14.21 20.77
C GLY B 94 -4.25 14.30 19.85
N PHE B 95 -4.23 15.17 18.84
CA PHE B 95 -5.35 15.31 17.86
C PHE B 95 -5.37 14.09 16.94
N GLN B 96 -6.58 13.68 16.57
CA GLN B 96 -6.83 12.55 15.64
C GLN B 96 -7.18 13.12 14.26
N CYS B 97 -6.76 12.41 13.22
CA CYS B 97 -7.12 12.70 11.81
C CYS B 97 -7.18 11.38 11.03
N ALA B 98 -7.43 11.46 9.73
CA ALA B 98 -7.42 10.32 8.78
C ALA B 98 -6.11 10.38 7.96
N VAL B 99 -5.45 9.23 7.81
CA VAL B 99 -4.25 9.06 6.93
C VAL B 99 -4.56 8.03 5.86
N LYS B 100 -4.32 8.37 4.60
CA LYS B 100 -4.27 7.42 3.46
C LYS B 100 -2.79 7.20 3.10
N LYS B 101 -2.30 5.97 3.24
CA LYS B 101 -0.91 5.57 2.91
C LYS B 101 -0.85 5.16 1.43
N VAL B 102 -0.16 5.92 0.60
CA VAL B 102 -0.08 5.69 -0.87
C VAL B 102 1.39 5.40 -1.23
N ARG B 103 1.61 4.29 -1.92
CA ARG B 103 2.92 3.90 -2.50
C ARG B 103 3.34 4.99 -3.51
N LEU B 104 4.63 5.36 -3.51
CA LEU B 104 5.17 6.50 -4.28
C LEU B 104 4.95 6.29 -5.79
N GLU B 105 5.16 5.08 -6.31
CA GLU B 105 5.11 4.82 -7.77
C GLU B 105 3.65 4.86 -8.25
N VAL B 106 2.69 5.03 -7.34
CA VAL B 106 1.24 5.13 -7.68
C VAL B 106 0.71 6.51 -7.27
N PHE B 107 1.53 7.35 -6.64
CA PHE B 107 1.11 8.68 -6.11
C PHE B 107 0.94 9.65 -7.28
N ARG B 108 -0.22 10.31 -7.33
CA ARG B 108 -0.53 11.41 -8.27
C ARG B 108 -0.54 12.72 -7.47
N ALA B 109 0.20 13.73 -7.95
CA ALA B 109 0.23 15.10 -7.38
C ALA B 109 -1.19 15.67 -7.30
N GLU B 110 -2.11 15.21 -8.15
CA GLU B 110 -3.51 15.70 -8.24
C GLU B 110 -4.28 15.33 -6.96
N GLU B 111 -3.94 14.21 -6.31
CA GLU B 111 -4.48 13.81 -4.97
C GLU B 111 -4.51 15.02 -4.02
N LEU B 112 -3.48 15.87 -4.10
CA LEU B 112 -3.24 17.02 -3.20
C LEU B 112 -3.61 18.34 -3.89
N MET B 113 -3.25 18.52 -5.16
CA MET B 113 -3.51 19.76 -5.95
C MET B 113 -5.01 20.06 -5.97
N ALA B 114 -5.84 19.03 -6.10
CA ALA B 114 -7.31 19.13 -6.21
C ALA B 114 -7.94 19.62 -4.89
N CYS B 115 -7.33 19.37 -3.73
CA CYS B 115 -7.97 19.63 -2.40
C CYS B 115 -7.14 20.53 -1.47
N ALA B 116 -5.88 20.84 -1.80
CA ALA B 116 -4.97 21.60 -0.92
C ALA B 116 -5.46 23.05 -0.78
N GLY B 117 -5.79 23.46 0.45
CA GLY B 117 -6.13 24.85 0.81
C GLY B 117 -7.52 25.24 0.32
N LEU B 118 -8.38 24.26 0.08
CA LEU B 118 -9.82 24.49 -0.24
C LEU B 118 -10.57 24.57 1.09
N THR B 119 -11.48 25.55 1.20
CA THR B 119 -12.30 25.81 2.41
C THR B 119 -13.77 25.78 2.01
N SER B 120 -14.23 24.64 1.45
CA SER B 120 -15.66 24.27 1.37
C SER B 120 -15.99 23.32 2.52
N PRO B 121 -17.15 23.50 3.19
CA PRO B 121 -17.61 22.51 4.16
C PRO B 121 -18.04 21.18 3.50
N ARG B 122 -18.05 21.11 2.16
CA ARG B 122 -18.48 19.92 1.37
C ARG B 122 -17.27 19.20 0.77
N ILE B 123 -16.05 19.64 1.11
CA ILE B 123 -14.77 18.99 0.69
C ILE B 123 -13.93 18.70 1.94
N VAL B 124 -13.60 17.43 2.17
CA VAL B 124 -12.78 16.96 3.32
C VAL B 124 -11.49 17.81 3.35
N PRO B 125 -11.24 18.56 4.44
CA PRO B 125 -10.05 19.41 4.53
C PRO B 125 -8.77 18.56 4.61
N LEU B 126 -7.81 18.86 3.73
CA LEU B 126 -6.44 18.29 3.72
C LEU B 126 -5.64 18.90 4.88
N TYR B 127 -5.07 18.06 5.75
CA TYR B 127 -4.22 18.46 6.90
C TYR B 127 -2.73 18.46 6.52
N GLY B 128 -2.37 17.87 5.39
CA GLY B 128 -1.00 17.84 4.85
C GLY B 128 -0.64 16.49 4.28
N ALA B 129 0.62 16.32 3.85
CA ALA B 129 1.18 15.02 3.41
C ALA B 129 2.67 14.97 3.73
N VAL B 130 3.16 13.75 4.01
CA VAL B 130 4.58 13.47 4.42
C VAL B 130 5.03 12.17 3.75
N ARG B 131 6.15 12.22 3.03
CA ARG B 131 6.84 11.05 2.44
C ARG B 131 7.77 10.44 3.48
N GLU B 132 7.72 9.12 3.66
CA GLU B 132 8.76 8.30 4.33
C GLU B 132 9.23 7.27 3.32
N GLY B 133 10.38 7.51 2.68
CA GLY B 133 10.92 6.65 1.61
C GLY B 133 9.89 6.51 0.49
N PRO B 134 9.46 5.28 0.13
CA PRO B 134 8.57 5.08 -1.01
C PRO B 134 7.07 5.12 -0.64
N TRP B 135 6.76 5.73 0.50
CA TRP B 135 5.39 5.85 1.08
C TRP B 135 5.02 7.33 1.24
N VAL B 136 3.88 7.74 0.67
CA VAL B 136 3.28 9.09 0.89
C VAL B 136 2.10 8.92 1.85
N ASN B 137 2.13 9.65 2.98
CA ASN B 137 1.07 9.67 4.00
C ASN B 137 0.26 10.95 3.78
N ILE B 138 -1.00 10.81 3.40
CA ILE B 138 -1.93 11.95 3.14
C ILE B 138 -2.86 12.05 4.35
N PHE B 139 -2.80 13.19 5.05
CA PHE B 139 -3.56 13.45 6.30
C PHE B 139 -4.74 14.37 5.99
N MET B 140 -5.87 14.13 6.64
CA MET B 140 -7.13 14.88 6.41
C MET B 140 -8.04 14.72 7.63
N GLU B 141 -8.99 15.65 7.78
CA GLU B 141 -9.96 15.66 8.91
C GLU B 141 -10.70 14.31 8.96
N LEU B 142 -10.91 13.79 10.16
CA LEU B 142 -11.62 12.51 10.42
C LEU B 142 -13.12 12.79 10.60
N LEU B 143 -13.96 12.31 9.67
CA LEU B 143 -15.45 12.44 9.75
C LEU B 143 -16.00 11.14 10.33
N GLU B 144 -16.81 11.24 11.39
CA GLU B 144 -17.12 10.12 12.31
C GLU B 144 -18.31 9.31 11.79
N GLY B 145 -19.10 9.88 10.86
CA GLY B 145 -20.32 9.25 10.35
C GLY B 145 -20.04 8.19 9.30
N GLY B 146 -18.79 8.00 8.91
CA GLY B 146 -18.41 7.01 7.87
C GLY B 146 -18.80 7.50 6.49
N SER B 147 -18.87 6.58 5.52
CA SER B 147 -19.16 6.88 4.10
C SER B 147 -20.66 6.68 3.81
N LEU B 148 -21.22 7.54 2.95
CA LEU B 148 -22.56 7.38 2.33
C LEU B 148 -22.69 5.95 1.78
N GLY B 149 -21.62 5.42 1.18
CA GLY B 149 -21.57 4.03 0.67
C GLY B 149 -21.99 3.03 1.73
N GLN B 150 -21.43 3.17 2.94
CA GLN B 150 -21.71 2.26 4.08
C GLN B 150 -23.15 2.46 4.58
N LEU B 151 -23.63 3.70 4.55
CA LEU B 151 -25.02 4.04 4.99
C LEU B 151 -26.00 3.28 4.09
N VAL B 152 -25.83 3.37 2.76
CA VAL B 152 -26.71 2.73 1.74
C VAL B 152 -26.76 1.22 1.98
N LYS B 153 -25.60 0.58 2.19
CA LYS B 153 -25.48 -0.89 2.44
C LYS B 153 -26.17 -1.24 3.77
N GLU B 154 -26.02 -0.40 4.80
CA GLU B 154 -26.59 -0.62 6.16
C GLU B 154 -28.12 -0.51 6.08
N GLN B 155 -28.62 0.50 5.36
CA GLN B 155 -30.06 0.87 5.29
C GLN B 155 -30.75 0.10 4.14
N GLY B 156 -29.97 -0.51 3.23
CA GLY B 156 -30.45 -1.16 2.00
C GLY B 156 -30.55 -0.16 0.86
N CYS B 157 -31.39 0.86 1.04
CA CYS B 157 -31.45 2.08 0.18
C CYS B 157 -31.98 3.22 1.05
N LEU B 158 -31.93 4.45 0.55
CA LEU B 158 -32.26 5.67 1.33
C LEU B 158 -33.65 6.15 0.92
N PRO B 159 -34.44 6.69 1.86
CA PRO B 159 -35.65 7.44 1.52
C PRO B 159 -35.27 8.65 0.66
N GLU B 160 -36.21 9.11 -0.15
CA GLU B 160 -36.02 10.13 -1.22
C GLU B 160 -35.45 11.42 -0.62
N ASP B 161 -35.99 11.88 0.51
CA ASP B 161 -35.61 13.17 1.16
C ASP B 161 -34.13 13.09 1.57
N ARG B 162 -33.72 11.97 2.15
CA ARG B 162 -32.33 11.68 2.60
C ARG B 162 -31.38 11.71 1.39
N ALA B 163 -31.74 11.00 0.30
CA ALA B 163 -30.95 10.91 -0.95
C ALA B 163 -30.82 12.29 -1.61
N LEU B 164 -31.90 13.08 -1.64
CA LEU B 164 -31.89 14.44 -2.24
C LEU B 164 -31.03 15.38 -1.40
N TYR B 165 -31.03 15.21 -0.07
CA TYR B 165 -30.25 16.04 0.88
C TYR B 165 -28.74 15.82 0.65
N TYR B 166 -28.30 14.58 0.51
CA TYR B 166 -26.86 14.22 0.33
C TYR B 166 -26.39 14.59 -1.08
N LEU B 167 -27.22 14.40 -2.11
CA LEU B 167 -26.88 14.81 -3.51
C LEU B 167 -26.65 16.32 -3.54
N GLY B 168 -27.54 17.10 -2.91
CA GLY B 168 -27.45 18.57 -2.82
C GLY B 168 -26.10 19.04 -2.30
N GLN B 169 -25.64 18.48 -1.18
CA GLN B 169 -24.35 18.85 -0.55
C GLN B 169 -23.20 18.43 -1.47
N ALA B 170 -23.26 17.21 -2.03
CA ALA B 170 -22.26 16.69 -3.01
C ALA B 170 -22.10 17.71 -4.15
N LEU B 171 -23.22 18.15 -4.72
CA LEU B 171 -23.27 19.10 -5.86
C LEU B 171 -22.74 20.48 -5.44
N GLU B 172 -22.96 20.89 -4.18
CA GLU B 172 -22.33 22.11 -3.61
C GLU B 172 -20.81 21.94 -3.69
N GLY B 173 -20.31 20.80 -3.23
CA GLY B 173 -18.89 20.40 -3.36
C GLY B 173 -18.42 20.43 -4.80
N LEU B 174 -19.15 19.81 -5.73
CA LEU B 174 -18.76 19.71 -7.16
C LEU B 174 -18.75 21.12 -7.77
N GLU B 175 -19.76 21.94 -7.48
CA GLU B 175 -19.86 23.35 -7.94
C GLU B 175 -18.60 24.13 -7.53
N TYR B 176 -18.19 23.98 -6.26
CA TYR B 176 -16.97 24.60 -5.67
C TYR B 176 -15.72 24.14 -6.45
N LEU B 177 -15.60 22.84 -6.75
CA LEU B 177 -14.44 22.25 -7.47
C LEU B 177 -14.42 22.74 -8.92
N HIS B 178 -15.57 22.70 -9.60
CA HIS B 178 -15.67 22.98 -11.07
C HIS B 178 -15.31 24.45 -11.35
N SER B 179 -15.72 25.38 -10.48
CA SER B 179 -15.38 26.82 -10.60
C SER B 179 -13.87 27.02 -10.46
N ARG B 180 -13.19 26.12 -9.74
CA ARG B 180 -11.71 26.12 -9.55
C ARG B 180 -11.03 25.22 -10.59
N ARG B 181 -11.77 24.79 -11.63
CA ARG B 181 -11.27 23.98 -12.78
C ARG B 181 -10.73 22.64 -12.26
N ILE B 182 -11.41 22.04 -11.29
CA ILE B 182 -11.03 20.73 -10.68
C ILE B 182 -12.16 19.73 -10.98
N LEU B 183 -11.79 18.61 -11.59
CA LEU B 183 -12.64 17.43 -11.93
C LEU B 183 -12.38 16.33 -10.89
N HIS B 184 -13.37 15.96 -10.08
CA HIS B 184 -13.19 14.97 -8.99
C HIS B 184 -12.84 13.60 -9.59
N GLY B 185 -13.64 13.15 -10.56
CA GLY B 185 -13.29 12.02 -11.45
C GLY B 185 -13.75 10.67 -10.91
N ASP B 186 -14.33 10.64 -9.71
CA ASP B 186 -14.76 9.39 -9.03
C ASP B 186 -15.88 9.72 -8.04
N VAL B 187 -16.91 10.45 -8.49
CA VAL B 187 -18.07 10.80 -7.65
C VAL B 187 -18.93 9.55 -7.48
N LYS B 188 -19.00 9.01 -6.25
CA LYS B 188 -19.87 7.88 -5.86
C LYS B 188 -20.07 7.92 -4.35
N ALA B 189 -20.99 7.10 -3.83
CA ALA B 189 -21.38 7.06 -2.40
C ALA B 189 -20.17 6.77 -1.52
N ASP B 190 -19.28 5.86 -1.96
CA ASP B 190 -18.08 5.44 -1.20
C ASP B 190 -17.18 6.66 -0.95
N ASN B 191 -17.22 7.66 -1.84
CA ASN B 191 -16.34 8.87 -1.78
C ASN B 191 -17.11 10.08 -1.22
N VAL B 192 -18.27 9.86 -0.60
CA VAL B 192 -18.97 10.89 0.22
C VAL B 192 -18.88 10.42 1.68
N LEU B 193 -18.44 11.32 2.57
CA LEU B 193 -18.29 11.03 4.03
C LEU B 193 -19.32 11.85 4.80
N LEU B 194 -19.81 11.30 5.92
CA LEU B 194 -20.90 11.91 6.73
C LEU B 194 -20.36 12.29 8.12
N SER B 195 -20.89 13.36 8.71
CA SER B 195 -20.68 13.75 10.11
C SER B 195 -21.29 12.71 11.05
N SER B 196 -20.95 12.77 12.34
CA SER B 196 -21.46 11.89 13.42
C SER B 196 -22.99 11.77 13.35
N ASP B 197 -23.70 12.89 13.15
CA ASP B 197 -25.18 12.97 13.19
C ASP B 197 -25.76 12.86 11.77
N GLY B 198 -24.92 12.57 10.77
CA GLY B 198 -25.34 12.38 9.37
C GLY B 198 -25.92 13.64 8.75
N SER B 199 -25.67 14.81 9.36
CA SER B 199 -26.22 16.12 8.94
C SER B 199 -25.32 16.74 7.87
N HIS B 200 -24.01 16.49 7.95
CA HIS B 200 -22.99 17.09 7.04
C HIS B 200 -22.40 15.97 6.16
N ALA B 201 -22.27 16.24 4.85
CA ALA B 201 -21.66 15.33 3.85
C ALA B 201 -20.53 16.09 3.15
N ALA B 202 -19.47 15.38 2.76
CA ALA B 202 -18.26 16.00 2.19
C ALA B 202 -17.58 15.06 1.19
N LEU B 203 -17.05 15.60 0.10
CA LEU B 203 -16.32 14.85 -0.95
C LEU B 203 -14.93 14.52 -0.43
N CYS B 204 -14.47 13.29 -0.68
CA CYS B 204 -13.11 12.81 -0.33
C CYS B 204 -12.53 12.00 -1.49
N ASP B 205 -11.23 11.75 -1.43
CA ASP B 205 -10.46 10.84 -2.32
C ASP B 205 -10.34 11.44 -3.71
N PHE B 206 -9.30 12.25 -3.94
CA PHE B 206 -9.02 12.94 -5.22
C PHE B 206 -8.00 12.13 -6.02
N GLY B 207 -8.02 10.81 -5.88
CA GLY B 207 -7.11 9.88 -6.58
C GLY B 207 -7.34 9.88 -8.09
N HIS B 208 -8.55 10.23 -8.53
CA HIS B 208 -8.93 10.25 -9.97
C HIS B 208 -9.10 11.68 -10.48
N ALA B 209 -8.71 12.68 -9.68
CA ALA B 209 -8.93 14.11 -10.00
C ALA B 209 -8.03 14.53 -11.16
N VAL B 210 -8.51 15.43 -12.02
CA VAL B 210 -7.65 16.15 -13.00
C VAL B 210 -7.89 17.65 -12.83
N CYS B 211 -6.82 18.44 -12.87
CA CYS B 211 -6.80 19.91 -12.81
C CYS B 211 -6.78 20.44 -14.26
N LEU B 212 -7.87 21.08 -14.70
CA LEU B 212 -8.15 21.44 -16.11
C LEU B 212 -7.42 22.75 -16.46
N ASP B 225 -5.83 11.45 -20.36
CA ASP B 225 -5.55 12.23 -19.12
C ASP B 225 -6.38 11.67 -17.96
N TYR B 226 -7.71 11.69 -18.09
CA TYR B 226 -8.69 11.25 -17.07
C TYR B 226 -8.63 9.71 -16.97
N ILE B 227 -8.28 9.20 -15.78
CA ILE B 227 -8.40 7.77 -15.38
C ILE B 227 -9.81 7.58 -14.81
N PRO B 228 -10.76 6.95 -15.53
CA PRO B 228 -12.12 6.78 -15.02
C PRO B 228 -12.17 5.87 -13.78
N GLY B 229 -13.03 6.25 -12.82
CA GLY B 229 -12.98 5.74 -11.43
C GLY B 229 -13.74 4.44 -11.26
N THR B 230 -14.99 4.39 -11.73
CA THR B 230 -15.97 3.31 -11.45
C THR B 230 -16.86 3.08 -12.69
N GLU B 231 -16.78 1.89 -13.25
CA GLU B 231 -17.45 1.48 -14.51
C GLU B 231 -18.90 1.99 -14.55
N THR B 232 -19.68 1.76 -13.49
CA THR B 232 -21.15 2.01 -13.46
C THR B 232 -21.48 3.51 -13.44
N HIS B 233 -20.52 4.37 -13.03
CA HIS B 233 -20.70 5.84 -12.86
C HIS B 233 -20.08 6.60 -14.02
N MET B 234 -19.53 5.87 -14.98
CA MET B 234 -18.83 6.38 -16.20
C MET B 234 -19.87 7.02 -17.16
N ALA B 235 -19.64 8.27 -17.57
CA ALA B 235 -20.50 9.00 -18.53
C ALA B 235 -20.18 8.54 -19.95
N PRO B 236 -21.16 8.57 -20.88
CA PRO B 236 -20.97 8.04 -22.23
C PRO B 236 -19.76 8.63 -22.98
N GLU B 237 -19.45 9.91 -22.77
CA GLU B 237 -18.37 10.62 -23.52
C GLU B 237 -17.01 10.04 -23.09
N VAL B 238 -16.88 9.59 -21.84
CA VAL B 238 -15.63 8.98 -21.29
C VAL B 238 -15.38 7.65 -22.01
N VAL B 239 -16.47 6.93 -22.32
CA VAL B 239 -16.44 5.56 -22.91
C VAL B 239 -16.17 5.66 -24.42
N LEU B 240 -16.65 6.74 -25.07
CA LEU B 240 -16.53 6.97 -26.53
C LEU B 240 -15.15 7.57 -26.88
N GLY B 241 -14.24 7.63 -25.91
CA GLY B 241 -12.82 8.00 -26.13
C GLY B 241 -12.58 9.49 -26.00
N ARG B 242 -13.49 10.32 -26.55
CA ARG B 242 -13.40 11.81 -26.52
C ARG B 242 -13.06 12.28 -25.10
N SER B 243 -11.98 13.05 -24.93
CA SER B 243 -11.57 13.68 -23.65
C SER B 243 -12.66 14.67 -23.21
N CYS B 244 -12.84 14.85 -21.89
CA CYS B 244 -14.10 15.34 -21.28
C CYS B 244 -13.85 16.48 -20.28
N ASP B 245 -14.95 17.12 -19.86
CA ASP B 245 -14.98 18.33 -18.99
C ASP B 245 -15.59 17.96 -17.63
N ALA B 246 -16.14 18.93 -16.90
CA ALA B 246 -16.66 18.79 -15.52
C ALA B 246 -17.96 17.98 -15.50
N LYS B 247 -18.65 17.87 -16.63
CA LYS B 247 -20.01 17.26 -16.74
C LYS B 247 -19.96 15.77 -16.38
N VAL B 248 -18.80 15.11 -16.48
CA VAL B 248 -18.64 13.67 -16.09
C VAL B 248 -19.08 13.50 -14.63
N ASP B 249 -18.69 14.44 -13.75
CA ASP B 249 -19.03 14.42 -12.30
C ASP B 249 -20.53 14.58 -12.11
N VAL B 250 -21.20 15.35 -12.97
CA VAL B 250 -22.67 15.54 -12.92
C VAL B 250 -23.34 14.19 -13.23
N TRP B 251 -22.91 13.54 -14.32
CA TRP B 251 -23.40 12.18 -14.71
C TRP B 251 -23.17 11.20 -13.56
N SER B 252 -21.97 11.18 -12.99
CA SER B 252 -21.59 10.29 -11.87
C SER B 252 -22.50 10.56 -10.65
N SER B 253 -22.78 11.83 -10.33
CA SER B 253 -23.60 12.21 -9.16
C SER B 253 -25.02 11.65 -9.29
N CYS B 254 -25.57 11.64 -10.50
CA CYS B 254 -26.94 11.10 -10.77
C CYS B 254 -26.92 9.56 -10.70
N CYS B 255 -25.83 8.93 -11.15
CA CYS B 255 -25.60 7.47 -10.94
C CYS B 255 -25.58 7.17 -9.43
N MET B 256 -24.89 8.01 -8.66
CA MET B 256 -24.85 7.92 -7.17
C MET B 256 -26.27 8.02 -6.60
N MET B 257 -27.08 8.95 -7.12
CA MET B 257 -28.48 9.18 -6.69
C MET B 257 -29.31 7.90 -6.91
N LEU B 258 -29.22 7.31 -8.10
CA LEU B 258 -29.92 6.04 -8.43
C LEU B 258 -29.53 4.97 -7.42
N HIS B 259 -28.25 4.90 -7.06
CA HIS B 259 -27.67 3.94 -6.08
C HIS B 259 -28.39 4.11 -4.74
N MET B 260 -28.51 5.35 -4.27
CA MET B 260 -29.15 5.70 -2.97
C MET B 260 -30.64 5.29 -2.99
N LEU B 261 -31.33 5.52 -4.10
CA LEU B 261 -32.80 5.26 -4.23
C LEU B 261 -33.07 3.77 -4.31
N ASN B 262 -32.30 3.05 -5.15
CA ASN B 262 -32.56 1.63 -5.51
C ASN B 262 -31.71 0.70 -4.65
N GLY B 263 -30.63 1.20 -4.04
CA GLY B 263 -29.73 0.39 -3.21
C GLY B 263 -28.79 -0.47 -4.04
N CYS B 264 -28.65 -0.17 -5.34
CA CYS B 264 -27.71 -0.84 -6.27
C CYS B 264 -27.29 0.14 -7.36
N HIS B 265 -26.08 -0.03 -7.90
CA HIS B 265 -25.51 0.80 -8.99
C HIS B 265 -26.44 0.72 -10.19
N PRO B 266 -26.49 1.76 -11.05
CA PRO B 266 -27.24 1.67 -12.31
C PRO B 266 -26.57 0.66 -13.23
N TRP B 267 -27.32 0.12 -14.19
CA TRP B 267 -26.87 -0.86 -15.21
C TRP B 267 -26.79 -2.27 -14.61
N THR B 268 -26.15 -2.43 -13.44
CA THR B 268 -25.62 -3.71 -12.91
C THR B 268 -26.66 -4.84 -12.96
N GLN B 269 -27.94 -4.54 -12.70
CA GLN B 269 -29.00 -5.57 -12.54
C GLN B 269 -29.61 -5.99 -13.90
N PHE B 270 -29.27 -5.30 -14.99
CA PHE B 270 -29.90 -5.50 -16.33
C PHE B 270 -28.87 -5.88 -17.41
N PHE B 271 -27.57 -5.82 -17.11
CA PHE B 271 -26.48 -6.01 -18.11
C PHE B 271 -25.32 -6.80 -17.50
N ARG B 272 -24.79 -7.75 -18.27
CA ARG B 272 -23.67 -8.66 -17.88
C ARG B 272 -22.35 -8.08 -18.42
N GLY B 273 -21.23 -8.55 -17.89
CA GLY B 273 -19.87 -8.29 -18.41
C GLY B 273 -19.54 -6.80 -18.47
N PRO B 274 -18.52 -6.39 -19.27
CA PRO B 274 -18.13 -4.98 -19.34
C PRO B 274 -19.27 -4.08 -19.84
N LEU B 275 -19.70 -3.16 -18.97
CA LEU B 275 -20.85 -2.23 -19.23
C LEU B 275 -20.44 -1.14 -20.22
N CYS B 276 -19.13 -0.95 -20.42
CA CYS B 276 -18.49 0.04 -21.34
C CYS B 276 -19.32 0.26 -22.61
N LEU B 277 -19.61 -0.81 -23.34
CA LEU B 277 -20.30 -0.77 -24.67
C LEU B 277 -21.78 -0.41 -24.47
N LYS B 278 -22.38 -0.89 -23.38
CA LYS B 278 -23.80 -0.68 -23.02
C LYS B 278 -24.03 0.82 -22.75
N ILE B 279 -23.14 1.46 -21.99
CA ILE B 279 -23.22 2.91 -21.61
C ILE B 279 -23.20 3.75 -22.90
N ALA B 280 -22.32 3.41 -23.84
CA ALA B 280 -22.12 4.11 -25.12
C ALA B 280 -23.39 4.06 -25.97
N SER B 281 -24.10 2.92 -25.98
CA SER B 281 -25.09 2.53 -27.02
C SER B 281 -26.54 2.59 -26.52
N GLU B 282 -26.78 2.20 -25.26
CA GLU B 282 -28.14 2.19 -24.65
C GLU B 282 -28.56 3.64 -24.37
N PRO B 283 -29.88 3.92 -24.25
CA PRO B 283 -30.34 5.20 -23.72
C PRO B 283 -29.89 5.36 -22.27
N PRO B 284 -29.85 6.59 -21.72
CA PRO B 284 -29.40 6.80 -20.34
C PRO B 284 -30.30 6.08 -19.35
N PRO B 285 -29.78 5.68 -18.17
CA PRO B 285 -30.50 4.78 -17.26
C PRO B 285 -31.70 5.41 -16.51
N VAL B 286 -32.39 6.34 -17.17
CA VAL B 286 -33.64 7.00 -16.69
C VAL B 286 -34.65 5.94 -16.22
N ARG B 287 -34.68 4.77 -16.86
CA ARG B 287 -35.62 3.66 -16.55
C ARG B 287 -35.41 3.14 -15.11
N GLU B 288 -34.25 3.40 -14.50
CA GLU B 288 -33.93 2.92 -13.12
C GLU B 288 -34.50 3.88 -12.07
N ILE B 289 -35.00 5.06 -12.46
CA ILE B 289 -35.68 6.02 -11.53
C ILE B 289 -36.92 5.34 -10.97
N PRO B 290 -37.07 5.20 -9.63
CA PRO B 290 -38.28 4.61 -9.06
C PRO B 290 -39.52 5.39 -9.51
N PRO B 291 -40.62 4.70 -9.90
CA PRO B 291 -41.82 5.37 -10.39
C PRO B 291 -42.55 6.17 -9.30
N SER B 292 -42.46 5.73 -8.04
CA SER B 292 -43.07 6.40 -6.86
C SER B 292 -42.31 7.69 -6.49
N CYS B 293 -41.23 8.02 -7.20
CA CYS B 293 -40.43 9.26 -7.01
C CYS B 293 -41.26 10.50 -7.35
N ALA B 294 -40.95 11.62 -6.70
CA ALA B 294 -41.53 12.96 -6.97
C ALA B 294 -41.21 13.35 -8.41
N PRO B 295 -42.15 14.01 -9.13
CA PRO B 295 -41.90 14.44 -10.51
C PRO B 295 -40.64 15.29 -10.69
N LEU B 296 -40.29 16.14 -9.71
CA LEU B 296 -39.13 17.06 -9.79
C LEU B 296 -37.81 16.29 -9.57
N THR B 297 -37.83 15.26 -8.74
CA THR B 297 -36.71 14.30 -8.52
C THR B 297 -36.43 13.56 -9.83
N ALA B 298 -37.45 12.92 -10.42
CA ALA B 298 -37.39 12.20 -11.71
C ALA B 298 -36.75 13.11 -12.76
N GLN B 299 -37.31 14.32 -12.93
CA GLN B 299 -36.84 15.34 -13.91
C GLN B 299 -35.38 15.69 -13.65
N ALA B 300 -35.00 15.98 -12.40
CA ALA B 300 -33.62 16.35 -11.99
C ALA B 300 -32.63 15.32 -12.51
N ILE B 301 -32.86 14.03 -12.21
CA ILE B 301 -31.98 12.91 -12.58
C ILE B 301 -31.84 12.85 -14.11
N GLN B 302 -32.94 13.05 -14.85
CA GLN B 302 -33.00 12.99 -16.33
C GLN B 302 -32.10 14.06 -16.95
N GLU B 303 -32.16 15.29 -16.41
CA GLU B 303 -31.35 16.45 -16.89
C GLU B 303 -29.86 16.14 -16.66
N GLY B 304 -29.56 15.44 -15.56
CA GLY B 304 -28.19 15.07 -15.15
C GLY B 304 -27.67 13.84 -15.90
N LEU B 305 -28.55 13.07 -16.53
CA LEU B 305 -28.18 11.84 -17.28
C LEU B 305 -28.42 12.03 -18.78
N ARG B 306 -28.17 13.22 -19.32
CA ARG B 306 -28.19 13.47 -20.78
C ARG B 306 -26.86 12.97 -21.37
N LYS B 307 -26.91 12.14 -22.40
CA LYS B 307 -25.74 11.45 -23.00
C LYS B 307 -24.75 12.47 -23.56
N GLU B 308 -25.23 13.56 -24.17
CA GLU B 308 -24.36 14.66 -24.67
C GLU B 308 -24.00 15.57 -23.50
N PRO B 309 -22.69 15.72 -23.16
CA PRO B 309 -22.28 16.58 -22.05
C PRO B 309 -22.77 18.03 -22.17
N ILE B 310 -22.72 18.60 -23.39
CA ILE B 310 -23.11 20.01 -23.67
C ILE B 310 -24.58 20.23 -23.24
N HIS B 311 -25.46 19.23 -23.46
CA HIS B 311 -26.91 19.31 -23.10
C HIS B 311 -27.13 19.02 -21.60
N ARG B 312 -26.21 18.29 -20.95
CA ARG B 312 -26.31 17.93 -19.52
C ARG B 312 -26.12 19.20 -18.67
N VAL B 313 -26.86 19.31 -17.56
CA VAL B 313 -26.85 20.49 -16.64
C VAL B 313 -25.53 20.50 -15.85
N SER B 314 -25.14 21.68 -15.37
CA SER B 314 -23.96 21.91 -14.51
C SER B 314 -24.30 21.53 -13.07
N ALA B 315 -23.28 21.40 -12.22
CA ALA B 315 -23.38 21.17 -10.77
C ALA B 315 -24.29 22.23 -10.13
N ALA B 316 -24.09 23.50 -10.48
CA ALA B 316 -24.90 24.65 -10.03
C ALA B 316 -26.39 24.43 -10.36
N GLU B 317 -26.70 24.20 -11.64
CA GLU B 317 -28.09 24.02 -12.16
C GLU B 317 -28.78 22.84 -11.45
N LEU B 318 -28.10 21.69 -11.37
CA LEU B 318 -28.68 20.45 -10.79
C LEU B 318 -28.94 20.66 -9.29
N GLY B 319 -28.03 21.37 -8.61
CA GLY B 319 -28.18 21.73 -7.18
C GLY B 319 -29.51 22.38 -6.89
N GLY B 320 -29.84 23.46 -7.62
CA GLY B 320 -31.09 24.23 -7.47
C GLY B 320 -32.30 23.32 -7.63
N LYS B 321 -32.33 22.55 -8.71
CA LYS B 321 -33.42 21.58 -9.03
C LYS B 321 -33.56 20.59 -7.87
N VAL B 322 -32.43 20.10 -7.35
CA VAL B 322 -32.36 19.08 -6.25
C VAL B 322 -32.86 19.73 -4.96
N ASN B 323 -32.52 21.00 -4.72
CA ASN B 323 -33.05 21.79 -3.57
C ASN B 323 -34.58 21.90 -3.71
N ARG B 324 -35.08 22.35 -4.86
CA ARG B 324 -36.54 22.48 -5.15
C ARG B 324 -37.22 21.11 -4.99
N ALA B 325 -36.56 20.04 -5.43
CA ALA B 325 -37.04 18.65 -5.28
C ALA B 325 -37.20 18.32 -3.79
N LEU B 326 -36.23 18.72 -2.95
CA LEU B 326 -36.23 18.46 -1.49
C LEU B 326 -37.43 19.19 -0.85
N GLN B 327 -37.67 20.44 -1.24
CA GLN B 327 -38.86 21.23 -0.78
C GLN B 327 -40.14 20.43 -1.04
N GLN B 328 -40.30 19.92 -2.28
CA GLN B 328 -41.54 19.24 -2.76
C GLN B 328 -41.89 18.04 -1.87
N VAL B 329 -40.91 17.21 -1.50
CA VAL B 329 -41.12 15.99 -0.66
C VAL B 329 -41.13 16.37 0.82
N GLY B 330 -41.03 17.67 1.14
CA GLY B 330 -41.27 18.24 2.48
C GLY B 330 -39.99 18.37 3.31
N GLY B 331 -38.87 18.73 2.67
CA GLY B 331 -37.55 18.92 3.32
C GLY B 331 -37.02 17.64 3.94
N LEU B 332 -35.86 17.72 4.61
CA LEU B 332 -35.24 16.58 5.35
C LEU B 332 -36.02 16.33 6.64
N LYS B 333 -36.62 15.14 6.78
CA LYS B 333 -37.44 14.75 7.96
C LYS B 333 -37.15 13.29 8.36
N SER B 334 -36.77 12.44 7.41
CA SER B 334 -36.57 10.98 7.60
C SER B 334 -35.46 10.74 8.61
N PRO B 335 -35.59 9.72 9.51
CA PRO B 335 -34.63 9.51 10.59
C PRO B 335 -33.27 8.95 10.15
N TRP B 336 -32.19 9.50 10.71
CA TRP B 336 -30.78 9.06 10.56
C TRP B 336 -30.64 7.63 11.11
N ARG B 337 -30.22 6.70 10.24
CA ARG B 337 -30.08 5.24 10.53
C ARG B 337 -31.44 4.67 10.99
N GLY B 338 -32.48 4.89 10.18
CA GLY B 338 -33.87 4.46 10.47
C GLY B 338 -34.08 2.98 10.21
N GLU B 339 -35.23 2.62 9.63
CA GLU B 339 -35.64 1.21 9.35
C GLU B 339 -35.11 0.78 7.98
N TYR B 340 -34.59 -0.45 7.90
CA TYR B 340 -33.99 -1.07 6.69
C TYR B 340 -35.01 -1.06 5.54
N LYS B 341 -34.79 -0.22 4.52
CA LYS B 341 -35.56 -0.21 3.25
C LYS B 341 -35.00 -1.31 2.34
N GLU B 342 -35.89 -2.07 1.67
CA GLU B 342 -35.49 -3.19 0.78
C GLU B 342 -34.98 -2.63 -0.54
N PRO B 343 -33.72 -2.90 -0.93
CA PRO B 343 -33.20 -2.45 -2.22
C PRO B 343 -33.88 -3.20 -3.38
N ARG B 344 -33.87 -2.61 -4.59
CA ARG B 344 -34.54 -3.17 -5.78
C ARG B 344 -33.91 -4.54 -6.11
N HIS B 345 -34.73 -5.60 -6.12
CA HIS B 345 -34.35 -6.96 -6.55
C HIS B 345 -33.98 -6.95 -8.04
N PRO B 346 -33.03 -7.79 -8.50
CA PRO B 346 -32.77 -7.96 -9.92
C PRO B 346 -33.87 -8.79 -10.59
N PRO B 347 -33.91 -8.86 -11.93
CA PRO B 347 -34.89 -9.71 -12.62
C PRO B 347 -34.56 -11.20 -12.55
N PRO B 348 -35.54 -12.10 -12.82
CA PRO B 348 -35.28 -13.53 -12.89
C PRO B 348 -34.53 -13.95 -14.17
N Q55 C . 8.99 -7.65 5.79
C1 Q55 C . 7.05 -10.69 6.80
C2 Q55 C . 7.10 -10.47 8.17
O1 Q55 C . 5.27 -11.08 15.09
C19 Q55 C . 4.99 -10.94 16.49
C15 Q55 C . 6.12 -10.22 14.54
N4 Q55 C . 6.42 -9.10 15.18
C16 Q55 C . 7.27 -8.26 14.60
C17 Q55 C . 7.85 -8.48 13.36
C18 Q55 C . 7.54 -9.63 12.69
C14 Q55 C . 6.65 -10.54 13.27
N3 Q55 C . 6.27 -11.74 12.66
C13 Q55 C . 6.20 -12.04 11.33
N1 Q55 C . 5.68 -13.26 11.03
C12 Q55 C . 5.63 -13.55 9.72
C11 Q55 C . 6.05 -12.70 8.73
C10 Q55 C . 6.52 -11.45 9.12
C Q55 C . 7.65 -9.79 5.91
C20 Q55 C . 7.51 -10.05 4.50
N5 Q55 C . 7.36 -10.27 3.39
C5 Q55 C . 8.32 -8.69 6.42
C4 Q55 C . 8.40 -8.48 7.79
C3 Q55 C . 7.80 -9.36 8.66
C7 Q55 C . 9.16 -7.21 8.09
C8 Q55 C . 10.16 -7.40 9.23
C9 Q55 C . 8.16 -6.12 8.44
O Q55 C . 8.82 -4.98 8.98
C6 Q55 C . 9.87 -6.94 6.75
N2 Q55 C . 6.62 -11.15 10.43
H2 Q55 C . 8.92 -7.44 4.95
H Q55 C . 6.60 -11.44 6.46
H17 Q55 C . 4.49 -11.71 16.80
H19 Q55 C . 4.47 -10.13 16.64
H18 Q55 C . 5.83 -10.87 16.98
H14 Q55 C . 7.49 -7.46 15.06
H15 Q55 C . 8.45 -7.85 12.99
H16 Q55 C . 7.92 -9.81 11.86
H13 Q55 C . 6.04 -12.39 13.19
H12 Q55 C . 5.26 -14.39 9.47
H11 Q55 C . 5.99 -12.93 7.82
H1 Q55 C . 7.87 -9.21 9.60
H7 Q55 C . 10.88 -6.76 9.14
H6 Q55 C . 10.53 -8.30 9.19
H5 Q55 C . 9.71 -7.27 10.08
H8 Q55 C . 7.53 -6.47 9.11
H9 Q55 C . 7.65 -5.87 7.65
H4 Q55 C . 9.90 -5.98 6.55
H3 Q55 C . 10.77 -7.32 6.75
N Q55 D . -11.46 6.69 0.34
C1 Q55 D . -10.89 9.19 3.06
C2 Q55 D . -11.76 8.61 3.99
O1 Q55 D . -14.81 7.19 10.43
C19 Q55 D . -15.24 6.57 11.66
C15 Q55 D . -14.93 6.50 9.30
N4 Q55 D . -15.45 5.28 9.32
C16 Q55 D . -15.56 4.61 8.16
C17 Q55 D . -15.16 5.12 6.95
C18 Q55 D . -14.62 6.39 6.91
C14 Q55 D . -14.49 7.11 8.10
N3 Q55 D . -13.96 8.41 8.19
C13 Q55 D . -13.13 9.09 7.34
N1 Q55 D . -12.67 10.29 7.78
C12 Q55 D . -11.88 10.94 6.94
C11 Q55 D . -11.52 10.48 5.69
C10 Q55 D . -12.00 9.23 5.33
C Q55 D . -10.71 8.61 1.80
C20 Q55 D . -9.78 9.21 0.87
N5 Q55 D . -9.00 9.64 0.13
C5 Q55 D . -11.44 7.46 1.48
C4 Q55 D . -12.31 6.89 2.39
C3 Q55 D . -12.48 7.46 3.63
C7 Q55 D . -12.96 5.65 1.81
C8 Q55 D . -14.46 5.66 2.07
C9 Q55 D . -12.35 4.41 2.42
O Q55 D . -12.90 3.24 1.83
C6 Q55 D . -12.65 5.83 0.32
N2 Q55 D . -12.83 8.56 6.14
H2 Q55 D . -10.86 6.71 -0.29
H Q55 D . -10.40 9.97 3.29
H17 Q55 D . -15.18 7.21 12.38
H19 Q55 D . -14.68 5.80 11.85
H18 Q55 D . -16.16 6.27 11.56
H14 Q55 D . -15.92 3.75 8.19
H15 Q55 D . -15.26 4.62 6.16
H16 Q55 D . -14.36 6.76 6.10
H13 Q55 D . -14.20 8.86 8.89
H12 Q55 D . -11.52 11.78 7.22
H11 Q55 D . -10.95 10.97 5.14
H1 Q55 D . -13.09 7.07 4.25
H7 Q55 D . -14.91 5.15 1.39
H6 Q55 D . -14.79 6.58 2.06
H5 Q55 D . -14.65 5.28 2.95
H8 Q55 D . -12.51 4.40 3.38
H9 Q55 D . -11.38 4.41 2.28
H4 Q55 D . -12.45 4.97 -0.10
H3 Q55 D . -13.39 6.26 -0.16
#